data_9I65
#
_entry.id   9I65
#
_cell.length_a   1.00
_cell.length_b   1.00
_cell.length_c   1.00
_cell.angle_alpha   90.00
_cell.angle_beta   90.00
_cell.angle_gamma   90.00
#
_symmetry.space_group_name_H-M   'P 1'
#
_entity_poly.entity_id   1
_entity_poly.type   'polypeptide(L)'
_entity_poly.pdbx_seq_one_letter_code
;MPVIKPVIVAVSSAPVSTGGVIATTVSPTVARFYAAITAAMIAGGVTTIPAASFLDDADAPVAALPVPAANGYYNVYING
ILQQGGLSTLTAVSLALASGDFVEGTPVLLEVGTFGGDSTLTTQPTISAPTITIIS
;
_entity_poly.pdbx_strand_id   E,F,G,H,I,J,K,L,M
#
# COMPACT_ATOMS: atom_id res chain seq x y z
N PRO A 2 -5.01 -23.30 -17.17
CA PRO A 2 -4.10 -24.02 -16.28
C PRO A 2 -4.82 -24.58 -15.05
N VAL A 3 -5.10 -25.88 -15.07
CA VAL A 3 -5.75 -26.55 -13.95
C VAL A 3 -4.68 -27.14 -13.05
N ILE A 4 -4.79 -26.87 -11.75
CA ILE A 4 -3.81 -27.30 -10.78
C ILE A 4 -4.53 -28.12 -9.70
N LYS A 5 -3.97 -29.28 -9.38
CA LYS A 5 -4.51 -30.16 -8.36
C LYS A 5 -3.39 -30.64 -7.46
N PRO A 6 -3.69 -30.92 -6.19
CA PRO A 6 -2.65 -31.44 -5.29
C PRO A 6 -2.19 -32.83 -5.72
N VAL A 7 -0.93 -33.12 -5.42
CA VAL A 7 -0.32 -34.40 -5.76
C VAL A 7 -0.25 -35.22 -4.48
N ILE A 8 -1.15 -36.19 -4.36
CA ILE A 8 -1.22 -37.08 -3.20
C ILE A 8 -1.22 -38.52 -3.70
N VAL A 9 -0.40 -39.36 -3.09
CA VAL A 9 -0.36 -40.78 -3.40
C VAL A 9 -0.47 -41.57 -2.11
N ALA A 10 -0.97 -42.80 -2.23
CA ALA A 10 -1.15 -43.67 -1.08
C ALA A 10 -0.96 -45.12 -1.52
N VAL A 11 -0.45 -45.94 -0.60
CA VAL A 11 -0.21 -47.35 -0.88
C VAL A 11 -1.02 -48.20 0.07
N SER A 12 -1.25 -49.45 -0.33
CA SER A 12 -2.06 -50.38 0.43
C SER A 12 -1.21 -51.56 0.90
N SER A 13 -1.60 -52.13 2.03
CA SER A 13 -0.92 -53.30 2.58
C SER A 13 -1.58 -54.57 2.06
N ALA A 14 -1.06 -55.72 2.47
CA ALA A 14 -1.59 -57.01 2.04
C ALA A 14 -2.45 -57.59 3.15
N PRO A 15 -3.75 -57.77 2.94
CA PRO A 15 -4.60 -58.34 3.99
C PRO A 15 -4.27 -59.81 4.24
N VAL A 16 -4.61 -60.27 5.44
CA VAL A 16 -4.34 -61.63 5.88
C VAL A 16 -5.66 -62.32 6.17
N SER A 17 -5.82 -63.53 5.62
CA SER A 17 -7.04 -64.30 5.80
C SER A 17 -7.00 -65.09 7.11
N THR A 18 -8.18 -65.38 7.64
CA THR A 18 -8.33 -66.07 8.92
C THR A 18 -9.39 -67.15 8.80
N GLY A 19 -9.05 -68.36 9.24
CA GLY A 19 -10.03 -69.43 9.39
C GLY A 19 -10.42 -70.11 8.08
N GLY A 20 -11.47 -70.92 8.18
CA GLY A 20 -11.99 -71.67 7.07
C GLY A 20 -12.44 -73.05 7.52
N VAL A 21 -13.59 -73.47 7.01
CA VAL A 21 -14.19 -74.75 7.37
C VAL A 21 -14.75 -75.41 6.13
N ILE A 22 -14.49 -76.71 5.97
CA ILE A 22 -14.93 -77.47 4.81
C ILE A 22 -15.61 -78.75 5.28
N ALA A 23 -16.49 -79.28 4.44
CA ALA A 23 -17.20 -80.52 4.71
C ALA A 23 -17.04 -81.47 3.53
N THR A 24 -16.99 -82.76 3.83
CA THR A 24 -16.70 -83.79 2.84
C THR A 24 -17.75 -84.88 2.85
N THR A 25 -17.87 -85.57 1.72
CA THR A 25 -18.78 -86.71 1.58
C THR A 25 -18.08 -87.83 0.84
N VAL A 26 -18.43 -89.07 1.17
CA VAL A 26 -17.86 -90.26 0.57
C VAL A 26 -18.98 -91.08 -0.04
N SER A 27 -18.81 -91.50 -1.28
CA SER A 27 -19.83 -92.28 -1.99
C SER A 27 -19.27 -93.64 -2.39
N PRO A 28 -19.62 -94.71 -1.69
CA PRO A 28 -19.19 -96.05 -2.10
C PRO A 28 -20.12 -96.63 -3.17
N THR A 29 -19.63 -97.68 -3.81
CA THR A 29 -20.42 -98.38 -4.82
C THR A 29 -19.81 -99.76 -5.03
N VAL A 30 -20.62 -100.80 -4.88
CA VAL A 30 -20.17 -102.18 -4.99
C VAL A 30 -20.99 -102.88 -6.07
N ALA A 31 -20.30 -103.48 -7.04
CA ALA A 31 -20.94 -104.19 -8.13
C ALA A 31 -20.74 -105.69 -7.96
N ARG A 32 -21.80 -106.45 -8.18
CA ARG A 32 -21.81 -107.89 -7.98
C ARG A 32 -22.04 -108.58 -9.33
N PHE A 33 -21.13 -109.46 -9.71
CA PHE A 33 -21.24 -110.20 -10.96
C PHE A 33 -21.10 -111.69 -10.69
N TYR A 34 -21.89 -112.47 -11.41
CA TYR A 34 -21.96 -113.92 -11.20
C TYR A 34 -21.21 -114.66 -12.30
N ALA A 35 -20.70 -115.84 -11.95
CA ALA A 35 -20.02 -116.69 -12.91
C ALA A 35 -20.51 -118.12 -12.72
N ALA A 36 -20.50 -118.87 -13.83
CA ALA A 36 -20.94 -120.26 -13.85
C ALA A 36 -19.92 -121.10 -14.63
N ILE A 37 -18.64 -120.95 -14.26
CA ILE A 37 -17.54 -121.58 -14.98
C ILE A 37 -17.81 -123.07 -15.18
N THR A 38 -17.54 -123.55 -16.38
CA THR A 38 -17.71 -124.94 -16.76
C THR A 38 -16.39 -125.47 -17.29
N ALA A 39 -16.42 -126.71 -17.80
CA ALA A 39 -15.24 -127.35 -18.35
C ALA A 39 -15.06 -127.09 -19.84
N ALA A 40 -15.95 -126.33 -20.46
CA ALA A 40 -15.82 -126.01 -21.88
C ALA A 40 -14.69 -125.02 -22.16
N MET A 41 -14.11 -124.43 -21.12
CA MET A 41 -13.05 -123.44 -21.30
C MET A 41 -11.79 -123.73 -20.50
N ILE A 42 -11.78 -124.74 -19.63
CA ILE A 42 -10.60 -125.07 -18.82
C ILE A 42 -9.66 -125.85 -19.72
N ALA A 43 -8.54 -125.24 -20.11
CA ALA A 43 -7.58 -125.86 -21.02
C ALA A 43 -6.20 -126.01 -20.37
N GLY A 44 -6.15 -126.11 -19.05
CA GLY A 44 -4.88 -126.23 -18.36
C GLY A 44 -4.09 -124.95 -18.29
N GLY A 45 -4.67 -123.83 -18.70
CA GLY A 45 -3.97 -122.56 -18.70
C GLY A 45 -4.87 -121.52 -19.30
N VAL A 46 -4.44 -120.25 -19.16
CA VAL A 46 -5.17 -119.05 -19.59
C VAL A 46 -6.68 -119.23 -19.41
N THR A 47 -7.08 -119.83 -18.29
CA THR A 47 -8.49 -120.11 -18.03
C THR A 47 -9.18 -118.78 -17.78
N THR A 48 -9.85 -118.26 -18.82
CA THR A 48 -10.40 -116.91 -18.82
C THR A 48 -11.88 -116.97 -19.14
N ILE A 49 -12.72 -116.66 -18.16
CA ILE A 49 -14.16 -116.60 -18.37
C ILE A 49 -14.49 -115.30 -19.09
N PRO A 50 -15.17 -115.35 -20.23
CA PRO A 50 -15.36 -114.13 -21.03
C PRO A 50 -16.30 -113.14 -20.38
N ALA A 51 -16.26 -111.89 -20.86
CA ALA A 51 -17.11 -110.83 -20.33
C ALA A 51 -18.58 -110.99 -20.69
N ALA A 52 -18.95 -112.10 -21.33
CA ALA A 52 -20.34 -112.36 -21.68
C ALA A 52 -20.94 -113.51 -20.91
N SER A 53 -20.15 -114.27 -20.15
CA SER A 53 -20.64 -115.41 -19.37
C SER A 53 -21.00 -114.99 -17.95
N PHE A 54 -21.35 -113.73 -17.74
CA PHE A 54 -21.59 -113.18 -16.42
C PHE A 54 -23.02 -112.69 -16.30
N LEU A 55 -23.67 -113.04 -15.20
CA LEU A 55 -24.94 -112.46 -14.82
C LEU A 55 -24.69 -111.20 -14.01
N ASP A 56 -25.72 -110.64 -13.39
CA ASP A 56 -25.58 -109.34 -12.76
C ASP A 56 -26.46 -109.31 -11.50
N ASP A 57 -26.75 -108.10 -11.04
CA ASP A 57 -27.42 -107.90 -9.76
C ASP A 57 -28.71 -108.70 -9.63
N ALA A 58 -29.48 -108.83 -10.71
CA ALA A 58 -30.58 -109.78 -10.62
C ALA A 58 -30.48 -110.92 -11.62
N ASP A 59 -30.59 -110.62 -12.91
CA ASP A 59 -30.59 -111.63 -13.96
C ASP A 59 -29.79 -111.28 -15.21
N ALA A 60 -29.58 -110.01 -15.51
CA ALA A 60 -29.19 -109.62 -16.86
C ALA A 60 -27.77 -110.09 -17.17
N PRO A 61 -27.52 -110.61 -18.38
CA PRO A 61 -26.14 -110.94 -18.76
C PRO A 61 -25.29 -109.69 -18.89
N VAL A 62 -23.98 -109.89 -18.73
CA VAL A 62 -23.01 -108.80 -18.76
C VAL A 62 -22.27 -108.83 -20.10
N ALA A 63 -21.84 -107.66 -20.55
CA ALA A 63 -21.09 -107.51 -21.79
C ALA A 63 -19.61 -107.17 -21.58
N ALA A 64 -19.29 -106.42 -20.53
CA ALA A 64 -17.91 -106.04 -20.26
C ALA A 64 -17.75 -105.80 -18.77
N LEU A 65 -16.50 -105.82 -18.31
CA LEU A 65 -16.21 -105.70 -16.90
C LEU A 65 -15.52 -104.38 -16.58
N PRO A 66 -15.96 -103.68 -15.54
CA PRO A 66 -15.31 -102.41 -15.17
C PRO A 66 -13.97 -102.62 -14.49
N VAL A 67 -12.91 -102.74 -15.29
CA VAL A 67 -11.54 -102.94 -14.81
C VAL A 67 -11.25 -101.98 -13.66
N PRO A 68 -10.74 -102.46 -12.53
CA PRO A 68 -10.53 -101.59 -11.37
C PRO A 68 -9.48 -100.52 -11.67
N ALA A 69 -9.90 -99.27 -11.56
CA ALA A 69 -8.99 -98.14 -11.72
C ALA A 69 -8.23 -97.91 -10.42
N ALA A 70 -7.58 -96.75 -10.30
CA ALA A 70 -6.80 -96.41 -9.12
C ALA A 70 -7.66 -95.90 -7.96
N ASN A 71 -8.99 -96.04 -8.06
CA ASN A 71 -9.86 -95.63 -6.97
C ASN A 71 -10.87 -96.72 -6.63
N GLY A 72 -10.46 -97.98 -6.73
CA GLY A 72 -11.35 -99.08 -6.44
C GLY A 72 -10.56 -100.36 -6.20
N TYR A 73 -11.28 -101.40 -5.83
CA TYR A 73 -10.69 -102.70 -5.55
C TYR A 73 -11.61 -103.78 -6.09
N TYR A 74 -11.03 -104.93 -6.43
CA TYR A 74 -11.79 -106.06 -6.93
C TYR A 74 -11.38 -107.32 -6.19
N ASN A 75 -12.34 -108.20 -5.94
CA ASN A 75 -12.11 -109.47 -5.28
C ASN A 75 -12.60 -110.60 -6.16
N VAL A 76 -11.92 -111.74 -6.10
CA VAL A 76 -12.26 -112.91 -6.89
C VAL A 76 -12.52 -114.06 -5.94
N TYR A 77 -13.73 -114.62 -6.00
CA TYR A 77 -14.14 -115.73 -5.15
C TYR A 77 -14.15 -117.00 -5.99
N ILE A 78 -13.34 -117.97 -5.60
CA ILE A 78 -13.32 -119.28 -6.23
C ILE A 78 -13.98 -120.26 -5.27
N ASN A 79 -15.16 -120.76 -5.65
CA ASN A 79 -15.95 -121.65 -4.80
C ASN A 79 -16.25 -120.98 -3.46
N GLY A 80 -16.44 -119.67 -3.48
CA GLY A 80 -16.76 -118.92 -2.29
C GLY A 80 -15.59 -118.60 -1.37
N ILE A 81 -14.38 -118.97 -1.75
CA ILE A 81 -13.19 -118.72 -0.94
C ILE A 81 -12.35 -117.67 -1.66
N LEU A 82 -11.91 -116.65 -0.93
CA LEU A 82 -11.09 -115.62 -1.55
C LEU A 82 -9.80 -116.21 -2.09
N GLN A 83 -9.35 -115.64 -3.21
CA GLN A 83 -8.08 -116.01 -3.81
C GLN A 83 -7.26 -114.75 -4.03
N GLN A 84 -5.97 -114.84 -3.72
CA GLN A 84 -5.11 -113.67 -3.78
C GLN A 84 -4.93 -113.20 -5.22
N GLY A 85 -4.40 -111.99 -5.37
CA GLY A 85 -4.23 -111.39 -6.68
C GLY A 85 -3.06 -111.95 -7.45
N GLY A 86 -2.90 -113.27 -7.44
CA GLY A 86 -1.88 -113.93 -8.22
C GLY A 86 -2.50 -114.73 -9.34
N LEU A 87 -3.68 -115.29 -9.07
CA LEU A 87 -4.45 -116.02 -10.06
C LEU A 87 -5.71 -115.26 -10.48
N SER A 88 -5.67 -113.93 -10.34
CA SER A 88 -6.84 -113.10 -10.65
C SER A 88 -6.36 -111.82 -11.34
N THR A 89 -6.34 -111.84 -12.66
CA THR A 89 -6.09 -110.66 -13.46
C THR A 89 -7.35 -110.33 -14.26
N LEU A 90 -7.87 -109.12 -14.07
CA LEU A 90 -9.17 -108.73 -14.59
C LEU A 90 -8.98 -107.67 -15.66
N THR A 91 -9.42 -107.98 -16.87
CA THR A 91 -9.50 -107.02 -17.96
C THR A 91 -10.96 -106.82 -18.34
N ALA A 92 -11.20 -106.01 -19.37
CA ALA A 92 -12.56 -105.77 -19.84
C ALA A 92 -13.10 -106.90 -20.69
N VAL A 93 -12.28 -107.92 -20.95
CA VAL A 93 -12.65 -109.03 -21.81
C VAL A 93 -12.93 -110.30 -21.01
N SER A 94 -12.09 -110.60 -20.04
CA SER A 94 -12.20 -111.85 -19.30
C SER A 94 -11.43 -111.70 -17.98
N LEU A 95 -11.29 -112.81 -17.26
CA LEU A 95 -10.58 -112.87 -16.00
C LEU A 95 -9.48 -113.93 -16.11
N ALA A 96 -8.24 -113.49 -16.11
CA ALA A 96 -7.11 -114.42 -16.19
C ALA A 96 -6.98 -115.17 -14.87
N LEU A 97 -7.09 -116.50 -14.93
CA LEU A 97 -7.04 -117.35 -13.74
C LEU A 97 -5.82 -118.28 -13.88
N ALA A 98 -4.66 -117.76 -13.47
CA ALA A 98 -3.37 -118.45 -13.51
C ALA A 98 -3.29 -119.54 -14.57
N SER A 99 -3.74 -120.74 -14.21
CA SER A 99 -3.74 -121.87 -15.12
C SER A 99 -5.00 -122.69 -14.87
N GLY A 100 -5.20 -123.72 -15.68
CA GLY A 100 -6.37 -124.55 -15.54
C GLY A 100 -6.23 -125.64 -14.50
N ASP A 101 -6.79 -125.41 -13.32
CA ASP A 101 -6.85 -126.44 -12.28
C ASP A 101 -8.15 -126.20 -11.50
N PHE A 102 -9.22 -126.83 -11.96
CA PHE A 102 -10.56 -126.61 -11.43
C PHE A 102 -11.29 -127.94 -11.38
N VAL A 103 -12.61 -127.86 -11.21
CA VAL A 103 -13.50 -129.02 -11.18
C VAL A 103 -14.70 -128.69 -12.05
N GLU A 104 -15.72 -129.55 -12.01
CA GLU A 104 -16.96 -129.28 -12.73
C GLU A 104 -17.60 -127.99 -12.21
N GLY A 105 -18.64 -127.56 -12.90
CA GLY A 105 -19.27 -126.27 -12.67
C GLY A 105 -19.45 -125.88 -11.21
N THR A 106 -18.76 -124.83 -10.79
CA THR A 106 -18.75 -124.37 -9.41
C THR A 106 -19.10 -122.90 -9.34
N PRO A 107 -19.79 -122.46 -8.29
CA PRO A 107 -20.16 -121.04 -8.18
C PRO A 107 -18.96 -120.15 -7.91
N VAL A 108 -18.61 -119.32 -8.90
CA VAL A 108 -17.52 -118.36 -8.78
C VAL A 108 -18.14 -116.96 -8.73
N LEU A 109 -17.77 -116.20 -7.72
CA LEU A 109 -18.29 -114.85 -7.56
C LEU A 109 -17.16 -113.84 -7.68
N LEU A 110 -17.49 -112.67 -8.21
CA LEU A 110 -16.52 -111.60 -8.41
C LEU A 110 -17.12 -110.29 -7.90
N GLU A 111 -16.36 -109.59 -7.06
CA GLU A 111 -16.81 -108.37 -6.41
C GLU A 111 -15.93 -107.22 -6.87
N VAL A 112 -16.56 -106.17 -7.40
CA VAL A 112 -15.86 -104.97 -7.85
C VAL A 112 -16.50 -103.77 -7.17
N GLY A 113 -15.68 -102.93 -6.56
CA GLY A 113 -16.18 -101.76 -5.87
C GLY A 113 -15.41 -100.51 -6.26
N THR A 114 -16.11 -99.39 -6.28
CA THR A 114 -15.54 -98.09 -6.59
C THR A 114 -15.75 -97.13 -5.43
N PHE A 115 -15.17 -95.94 -5.57
CA PHE A 115 -15.29 -94.93 -4.52
C PHE A 115 -15.22 -93.54 -5.14
N GLY A 116 -16.16 -92.69 -4.75
CA GLY A 116 -16.14 -91.31 -5.17
C GLY A 116 -16.40 -90.39 -3.99
N GLY A 117 -15.74 -89.23 -4.03
CA GLY A 117 -15.83 -88.28 -2.94
C GLY A 117 -16.25 -86.90 -3.44
N ASP A 118 -16.88 -86.16 -2.54
CA ASP A 118 -17.34 -84.82 -2.84
C ASP A 118 -17.20 -83.95 -1.60
N SER A 119 -16.81 -82.70 -1.79
CA SER A 119 -16.59 -81.79 -0.69
C SER A 119 -16.87 -80.37 -1.15
N THR A 120 -17.08 -79.48 -0.18
CA THR A 120 -17.37 -78.09 -0.50
C THR A 120 -16.95 -77.21 0.68
N LEU A 121 -16.80 -75.92 0.39
CA LEU A 121 -16.44 -74.92 1.40
C LEU A 121 -17.72 -74.32 1.97
N THR A 122 -17.96 -74.54 3.25
CA THR A 122 -19.18 -74.06 3.90
C THR A 122 -18.96 -72.71 4.58
N THR A 123 -18.05 -72.65 5.55
CA THR A 123 -17.76 -71.43 6.29
C THR A 123 -16.54 -70.77 5.67
N GLN A 124 -16.76 -69.64 5.00
CA GLN A 124 -15.69 -69.03 4.21
C GLN A 124 -14.79 -68.18 5.10
N PRO A 125 -13.52 -68.05 4.74
CA PRO A 125 -12.57 -67.31 5.58
C PRO A 125 -12.91 -65.84 5.68
N THR A 126 -12.37 -65.22 6.72
CA THR A 126 -12.54 -63.78 6.97
C THR A 126 -11.25 -63.05 6.65
N ILE A 127 -11.37 -61.94 5.96
CA ILE A 127 -10.22 -61.17 5.49
C ILE A 127 -10.00 -59.99 6.44
N SER A 128 -8.78 -59.88 6.96
CA SER A 128 -8.44 -58.76 7.82
C SER A 128 -8.33 -57.47 7.00
N ALA A 129 -8.72 -56.36 7.63
CA ALA A 129 -8.68 -55.09 6.93
C ALA A 129 -7.24 -54.64 6.73
N PRO A 130 -6.91 -54.13 5.54
CA PRO A 130 -5.55 -53.66 5.28
C PRO A 130 -5.29 -52.33 5.96
N THR A 131 -4.08 -51.81 5.74
CA THR A 131 -3.66 -50.53 6.28
C THR A 131 -3.31 -49.59 5.14
N ILE A 132 -3.70 -48.32 5.28
CA ILE A 132 -3.49 -47.30 4.26
C ILE A 132 -2.62 -46.21 4.83
N THR A 133 -1.53 -45.90 4.13
CA THR A 133 -0.63 -44.80 4.49
C THR A 133 -0.68 -43.75 3.40
N ILE A 134 -0.85 -42.50 3.80
CA ILE A 134 -1.02 -41.38 2.88
C ILE A 134 0.31 -40.65 2.74
N ILE A 135 0.78 -40.51 1.51
CA ILE A 135 2.02 -39.81 1.20
C ILE A 135 1.66 -38.47 0.60
N SER A 136 2.15 -37.40 1.22
CA SER A 136 1.90 -36.05 0.73
C SER A 136 2.92 -35.65 -0.33
N PRO B 2 -6.31 73.29 -5.96
CA PRO B 2 -5.17 72.59 -6.56
C PRO B 2 -4.38 71.78 -5.53
N VAL B 3 -4.62 70.47 -5.48
CA VAL B 3 -3.92 69.57 -4.57
C VAL B 3 -2.79 68.90 -5.32
N ILE B 4 -1.57 69.05 -4.80
CA ILE B 4 -0.37 68.53 -5.45
C ILE B 4 0.35 67.63 -4.46
N LYS B 5 0.72 66.44 -4.91
CA LYS B 5 1.40 65.45 -4.09
C LYS B 5 2.60 64.91 -4.84
N PRO B 6 3.64 64.48 -4.12
CA PRO B 6 4.79 63.89 -4.80
C PRO B 6 4.44 62.57 -5.45
N VAL B 7 5.14 62.25 -6.52
CA VAL B 7 4.91 61.04 -7.30
C VAL B 7 6.04 60.07 -7.00
N ILE B 8 5.72 58.96 -6.36
CA ILE B 8 6.67 57.90 -6.05
C ILE B 8 6.05 56.56 -6.40
N VAL B 9 6.82 55.69 -7.03
CA VAL B 9 6.38 54.34 -7.35
C VAL B 9 7.40 53.35 -6.83
N ALA B 10 6.93 52.16 -6.49
CA ALA B 10 7.79 51.13 -5.92
C ALA B 10 7.47 49.79 -6.58
N VAL B 11 8.47 48.92 -6.61
CA VAL B 11 8.32 47.58 -7.20
C VAL B 11 8.77 46.55 -6.17
N SER B 12 8.22 45.35 -6.28
CA SER B 12 8.49 44.27 -5.36
C SER B 12 8.94 43.03 -6.12
N SER B 13 9.94 42.35 -5.57
CA SER B 13 10.41 41.10 -6.15
C SER B 13 9.50 39.95 -5.75
N ALA B 14 9.69 38.81 -6.40
CA ALA B 14 8.90 37.62 -6.11
C ALA B 14 9.60 36.80 -5.04
N PRO B 15 8.99 36.58 -3.88
CA PRO B 15 9.63 35.77 -2.85
C PRO B 15 9.75 34.31 -3.27
N VAL B 16 10.73 33.63 -2.66
CA VAL B 16 10.97 32.22 -2.90
C VAL B 16 10.86 31.50 -1.56
N SER B 17 10.17 30.36 -1.55
CA SER B 17 9.96 29.59 -0.35
C SER B 17 10.91 28.39 -0.30
N THR B 18 10.90 27.69 0.82
CA THR B 18 11.89 26.65 1.12
C THR B 18 11.20 25.41 1.68
N GLY B 19 11.23 24.32 0.92
CA GLY B 19 10.95 22.97 1.38
C GLY B 19 9.57 22.79 1.99
N GLY B 20 9.50 21.83 2.90
CA GLY B 20 8.24 21.47 3.53
C GLY B 20 8.31 20.05 4.05
N VAL B 21 7.25 19.65 4.76
CA VAL B 21 7.17 18.34 5.37
C VAL B 21 5.81 17.73 5.04
N ILE B 22 5.80 16.46 4.64
CA ILE B 22 4.58 15.76 4.27
C ILE B 22 4.51 14.45 5.07
N ALA B 23 3.36 14.18 5.66
CA ALA B 23 3.11 12.95 6.40
C ALA B 23 2.00 12.16 5.73
N THR B 24 2.22 10.85 5.57
CA THR B 24 1.35 10.01 4.79
C THR B 24 0.89 8.80 5.60
N THR B 25 -0.29 8.28 5.24
CA THR B 25 -0.83 7.07 5.85
C THR B 25 -1.37 6.17 4.75
N VAL B 26 -1.38 4.87 5.01
CA VAL B 26 -1.85 3.86 4.07
C VAL B 26 -2.87 2.98 4.77
N SER B 27 -4.03 2.80 4.15
CA SER B 27 -5.12 2.01 4.72
C SER B 27 -5.42 0.81 3.83
N PRO B 28 -4.93 -0.38 4.17
CA PRO B 28 -5.27 -1.57 3.39
C PRO B 28 -6.51 -2.28 3.93
N THR B 29 -7.25 -2.88 3.00
CA THR B 29 -8.45 -3.63 3.34
C THR B 29 -8.46 -4.92 2.54
N VAL B 30 -8.74 -6.03 3.23
CA VAL B 30 -8.78 -7.35 2.61
C VAL B 30 -10.12 -7.99 2.89
N ALA B 31 -10.88 -8.27 1.85
CA ALA B 31 -12.18 -8.92 1.98
C ALA B 31 -12.08 -10.38 1.58
N ARG B 32 -12.81 -11.23 2.32
CA ARG B 32 -12.76 -12.67 2.12
C ARG B 32 -14.17 -13.19 1.89
N PHE B 33 -14.36 -13.89 0.78
CA PHE B 33 -15.66 -14.44 0.39
C PHE B 33 -15.53 -15.94 0.22
N TYR B 34 -16.47 -16.67 0.83
CA TYR B 34 -16.45 -18.13 0.75
C TYR B 34 -17.26 -18.62 -0.43
N ALA B 35 -17.00 -19.89 -0.81
CA ALA B 35 -17.74 -20.53 -1.87
C ALA B 35 -17.83 -22.02 -1.57
N ALA B 36 -18.85 -22.66 -2.14
CA ALA B 36 -18.99 -24.11 -2.06
C ALA B 36 -19.53 -24.57 -3.42
N ILE B 37 -18.62 -24.88 -4.34
CA ILE B 37 -19.00 -25.18 -5.72
C ILE B 37 -19.41 -26.63 -5.85
N THR B 38 -20.56 -26.86 -6.47
CA THR B 38 -21.06 -28.20 -6.77
C THR B 38 -21.21 -28.36 -8.28
N ALA B 39 -21.78 -29.49 -8.68
CA ALA B 39 -22.06 -29.78 -10.08
C ALA B 39 -23.29 -29.07 -10.59
N ALA B 40 -23.72 -28.01 -9.88
CA ALA B 40 -24.97 -27.34 -10.21
C ALA B 40 -24.95 -26.78 -11.62
N MET B 41 -23.85 -26.15 -12.02
CA MET B 41 -23.79 -25.51 -13.33
C MET B 41 -22.45 -25.77 -14.01
N ILE B 42 -21.70 -26.77 -13.52
CA ILE B 42 -20.44 -27.14 -14.15
C ILE B 42 -20.76 -27.78 -15.50
N ALA B 43 -20.15 -27.24 -16.57
CA ALA B 43 -20.39 -27.73 -17.91
C ALA B 43 -19.10 -27.98 -18.68
N GLY B 44 -18.00 -28.18 -17.98
CA GLY B 44 -16.72 -28.35 -18.65
C GLY B 44 -16.32 -27.14 -19.47
N GLY B 45 -16.64 -25.95 -18.99
CA GLY B 45 -16.40 -24.71 -19.69
C GLY B 45 -17.30 -23.64 -19.12
N VAL B 46 -16.80 -22.40 -19.15
CA VAL B 46 -17.45 -21.19 -18.62
C VAL B 46 -18.18 -21.46 -17.31
N THR B 47 -17.66 -22.39 -16.50
CA THR B 47 -18.23 -22.66 -15.20
C THR B 47 -18.02 -21.46 -14.29
N THR B 48 -19.08 -20.71 -14.03
CA THR B 48 -18.97 -19.42 -13.34
C THR B 48 -20.04 -19.38 -12.25
N ILE B 49 -19.61 -19.52 -11.00
CA ILE B 49 -20.55 -19.60 -9.88
C ILE B 49 -21.21 -18.24 -9.68
N PRO B 50 -22.53 -18.14 -9.86
CA PRO B 50 -23.17 -16.84 -9.96
C PRO B 50 -23.40 -16.15 -8.63
N ALA B 51 -23.19 -14.84 -8.65
CA ALA B 51 -23.63 -13.89 -7.62
C ALA B 51 -23.62 -14.46 -6.21
N ALA B 52 -24.80 -14.62 -5.63
CA ALA B 52 -24.92 -15.10 -4.25
C ALA B 52 -25.05 -16.61 -4.18
N SER B 53 -24.18 -17.32 -4.89
CA SER B 53 -23.92 -18.73 -4.58
C SER B 53 -22.66 -18.85 -3.72
N PHE B 54 -22.61 -18.03 -2.67
CA PHE B 54 -21.40 -17.79 -1.90
C PHE B 54 -21.77 -17.66 -0.43
N LEU B 55 -20.74 -17.45 0.38
CA LEU B 55 -20.86 -16.95 1.74
C LEU B 55 -19.97 -15.73 1.89
N ASP B 56 -19.95 -15.15 3.08
CA ASP B 56 -19.14 -13.97 3.31
C ASP B 56 -18.79 -13.88 4.79
N ASP B 57 -17.48 -13.79 5.08
CA ASP B 57 -16.99 -13.64 6.44
C ASP B 57 -17.58 -14.70 7.36
N ALA B 58 -18.46 -14.27 8.26
CA ALA B 58 -19.18 -15.21 9.13
C ALA B 58 -20.55 -15.50 8.54
N ASP B 59 -20.57 -16.50 7.65
CA ASP B 59 -21.76 -16.89 6.91
C ASP B 59 -22.23 -15.74 6.03
N ALA B 60 -23.22 -14.98 6.52
CA ALA B 60 -23.63 -13.68 5.98
C ALA B 60 -23.71 -13.67 4.47
N PRO B 61 -24.74 -14.26 3.87
CA PRO B 61 -24.80 -14.35 2.40
C PRO B 61 -24.64 -12.99 1.74
N VAL B 62 -23.99 -12.98 0.58
CA VAL B 62 -23.54 -11.77 -0.07
C VAL B 62 -24.45 -11.51 -1.26
N ALA B 63 -24.28 -10.36 -1.93
CA ALA B 63 -25.11 -9.99 -3.07
C ALA B 63 -24.33 -10.05 -4.38
N ALA B 64 -23.20 -9.33 -4.48
CA ALA B 64 -22.39 -9.31 -5.68
C ALA B 64 -20.93 -9.33 -5.27
N LEU B 65 -20.05 -9.09 -6.25
CA LEU B 65 -18.61 -9.15 -5.99
C LEU B 65 -17.95 -7.80 -6.26
N PRO B 66 -17.08 -7.34 -5.35
CA PRO B 66 -16.39 -6.07 -5.57
C PRO B 66 -15.30 -6.19 -6.63
N VAL B 67 -15.68 -6.02 -7.89
CA VAL B 67 -14.78 -6.11 -9.04
C VAL B 67 -13.46 -5.40 -8.74
N PRO B 68 -12.32 -6.05 -8.97
CA PRO B 68 -11.03 -5.41 -8.67
C PRO B 68 -10.80 -4.20 -9.57
N ALA B 69 -10.69 -3.04 -8.94
CA ALA B 69 -10.42 -1.80 -9.65
C ALA B 69 -8.91 -1.67 -9.88
N ALA B 70 -8.46 -0.49 -10.26
CA ALA B 70 -7.05 -0.24 -10.52
C ALA B 70 -6.24 -0.01 -9.25
N ASN B 71 -6.86 -0.09 -8.08
CA ASN B 71 -6.16 0.11 -6.82
C ASN B 71 -6.32 -1.10 -5.89
N GLY B 72 -6.40 -2.30 -6.47
CA GLY B 72 -6.55 -3.50 -5.67
C GLY B 72 -6.13 -4.72 -6.45
N TYR B 73 -6.25 -5.87 -5.79
CA TYR B 73 -5.86 -7.14 -6.38
C TYR B 73 -6.79 -8.23 -5.83
N TYR B 74 -6.91 -9.32 -6.59
CA TYR B 74 -7.74 -10.44 -6.21
C TYR B 74 -7.04 -11.74 -6.57
N ASN B 75 -7.30 -12.80 -5.79
CA ASN B 75 -6.76 -14.12 -6.05
C ASN B 75 -7.87 -15.14 -6.04
N VAL B 76 -7.70 -16.22 -6.80
CA VAL B 76 -8.67 -17.30 -6.88
C VAL B 76 -8.02 -18.56 -6.31
N TYR B 77 -8.66 -19.16 -5.32
CA TYR B 77 -8.16 -20.38 -4.68
C TYR B 77 -9.02 -21.55 -5.11
N ILE B 78 -8.37 -22.60 -5.61
CA ILE B 78 -9.05 -23.83 -6.00
C ILE B 78 -8.46 -24.95 -5.16
N ASN B 79 -9.23 -25.41 -4.16
CA ASN B 79 -8.80 -26.46 -3.24
C ASN B 79 -7.50 -26.06 -2.53
N GLY B 80 -7.38 -24.78 -2.19
CA GLY B 80 -6.23 -24.29 -1.46
C GLY B 80 -5.01 -23.99 -2.30
N ILE B 81 -5.11 -24.05 -3.61
CA ILE B 81 -3.99 -23.79 -4.51
C ILE B 81 -4.34 -22.57 -5.34
N LEU B 82 -3.44 -21.60 -5.37
CA LEU B 82 -3.67 -20.40 -6.16
C LEU B 82 -3.75 -20.76 -7.64
N GLN B 83 -4.54 -20.00 -8.39
CA GLN B 83 -4.58 -20.12 -9.84
C GLN B 83 -4.40 -18.74 -10.44
N GLN B 84 -3.69 -18.68 -11.55
CA GLN B 84 -3.29 -17.39 -12.12
C GLN B 84 -4.45 -16.79 -12.90
N GLY B 85 -4.16 -15.74 -13.68
CA GLY B 85 -5.19 -15.03 -14.42
C GLY B 85 -5.86 -15.86 -15.50
N GLY B 86 -5.31 -17.03 -15.83
CA GLY B 86 -5.91 -17.85 -16.87
C GLY B 86 -7.33 -18.24 -16.57
N LEU B 87 -7.63 -18.51 -15.29
CA LEU B 87 -8.97 -18.89 -14.86
C LEU B 87 -9.54 -17.90 -13.85
N SER B 88 -9.34 -16.61 -14.10
CA SER B 88 -9.86 -15.58 -13.18
C SER B 88 -10.05 -14.28 -13.96
N THR B 89 -11.30 -13.97 -14.29
CA THR B 89 -11.69 -12.68 -14.85
C THR B 89 -12.94 -12.19 -14.12
N LEU B 90 -12.87 -12.21 -12.80
CA LEU B 90 -14.02 -11.96 -11.92
C LEU B 90 -14.73 -10.67 -12.28
N THR B 91 -16.02 -10.80 -12.61
CA THR B 91 -16.91 -9.67 -12.81
C THR B 91 -17.78 -9.49 -11.57
N ALA B 92 -18.76 -8.59 -11.65
CA ALA B 92 -19.68 -8.36 -10.55
C ALA B 92 -20.72 -9.46 -10.42
N VAL B 93 -20.64 -10.50 -11.23
CA VAL B 93 -21.64 -11.58 -11.25
C VAL B 93 -21.03 -12.89 -10.78
N SER B 94 -19.89 -13.27 -11.34
CA SER B 94 -19.32 -14.59 -11.08
C SER B 94 -17.85 -14.58 -11.44
N LEU B 95 -17.23 -15.76 -11.42
CA LEU B 95 -15.86 -15.93 -11.89
C LEU B 95 -15.85 -16.03 -13.40
N ALA B 96 -14.72 -16.45 -13.96
CA ALA B 96 -14.58 -16.75 -15.38
C ALA B 96 -13.75 -18.00 -15.57
N LEU B 97 -14.04 -19.03 -14.78
CA LEU B 97 -13.26 -20.26 -14.81
C LEU B 97 -13.33 -20.89 -16.20
N ALA B 98 -12.17 -21.27 -16.73
CA ALA B 98 -12.12 -21.82 -18.09
C ALA B 98 -12.90 -23.12 -18.19
N SER B 99 -12.76 -24.00 -17.19
CA SER B 99 -13.46 -25.27 -17.20
C SER B 99 -13.71 -25.77 -15.78
N GLY B 100 -12.93 -26.76 -15.35
CA GLY B 100 -13.06 -27.31 -14.01
C GLY B 100 -13.75 -28.65 -13.99
N ASP B 101 -12.99 -29.70 -13.66
CA ASP B 101 -13.52 -31.06 -13.57
C ASP B 101 -13.09 -31.61 -12.21
N PHE B 102 -14.03 -31.68 -11.28
CA PHE B 102 -13.71 -31.96 -9.89
C PHE B 102 -14.97 -32.34 -9.14
N VAL B 103 -14.77 -32.99 -8.00
CA VAL B 103 -15.86 -33.43 -7.12
C VAL B 103 -16.56 -32.21 -6.56
N GLU B 104 -17.80 -32.38 -6.11
CA GLU B 104 -18.57 -31.28 -5.54
C GLU B 104 -17.92 -30.78 -4.25
N GLY B 105 -18.34 -29.59 -3.83
CA GLY B 105 -17.78 -28.92 -2.68
C GLY B 105 -16.51 -28.16 -3.01
N THR B 106 -15.37 -28.87 -3.09
CA THR B 106 -14.10 -28.38 -3.61
C THR B 106 -13.82 -26.95 -3.15
N PRO B 107 -13.43 -26.76 -1.88
CA PRO B 107 -13.35 -25.40 -1.31
C PRO B 107 -12.66 -24.37 -2.20
N VAL B 108 -13.42 -23.37 -2.60
CA VAL B 108 -12.93 -22.26 -3.41
C VAL B 108 -13.12 -20.98 -2.61
N LEU B 109 -12.06 -20.18 -2.51
CA LEU B 109 -12.13 -18.93 -1.78
C LEU B 109 -11.57 -17.78 -2.61
N LEU B 110 -12.18 -16.61 -2.44
CA LEU B 110 -11.78 -15.39 -3.10
C LEU B 110 -11.30 -14.38 -2.08
N GLU B 111 -10.15 -13.77 -2.34
CA GLU B 111 -9.63 -12.68 -1.53
C GLU B 111 -9.64 -11.42 -2.38
N VAL B 112 -10.26 -10.37 -1.86
CA VAL B 112 -10.34 -9.08 -2.55
C VAL B 112 -9.69 -8.04 -1.66
N GLY B 113 -8.69 -7.34 -2.21
CA GLY B 113 -7.95 -6.36 -1.46
C GLY B 113 -8.10 -4.97 -2.06
N THR B 114 -8.13 -3.98 -1.18
CA THR B 114 -8.21 -2.58 -1.60
C THR B 114 -7.24 -1.77 -0.76
N PHE B 115 -6.77 -0.66 -1.33
CA PHE B 115 -5.80 0.19 -0.64
C PHE B 115 -6.22 1.64 -0.78
N GLY B 116 -6.20 2.37 0.33
CA GLY B 116 -6.45 3.79 0.32
C GLY B 116 -5.43 4.51 1.18
N GLY B 117 -5.20 5.78 0.84
CA GLY B 117 -4.22 6.57 1.56
C GLY B 117 -4.63 8.02 1.63
N ASP B 118 -4.11 8.70 2.65
CA ASP B 118 -4.34 10.12 2.86
C ASP B 118 -3.09 10.74 3.43
N SER B 119 -2.96 12.06 3.23
CA SER B 119 -1.77 12.77 3.69
C SER B 119 -2.13 14.20 4.02
N THR B 120 -1.32 14.81 4.88
CA THR B 120 -1.50 16.20 5.29
C THR B 120 -0.15 16.89 5.29
N LEU B 121 -0.19 18.21 5.11
CA LEU B 121 1.01 19.03 5.13
C LEU B 121 1.19 19.55 6.56
N THR B 122 2.12 18.95 7.29
CA THR B 122 2.29 19.31 8.70
C THR B 122 3.06 20.61 8.84
N THR B 123 4.31 20.64 8.37
CA THR B 123 5.16 21.82 8.49
C THR B 123 5.06 22.63 7.20
N GLN B 124 4.40 23.77 7.27
CA GLN B 124 4.22 24.60 6.09
C GLN B 124 5.54 25.27 5.70
N PRO B 125 5.74 25.51 4.41
CA PRO B 125 6.99 26.13 3.97
C PRO B 125 7.10 27.58 4.44
N THR B 126 8.34 28.04 4.56
CA THR B 126 8.65 29.39 4.99
C THR B 126 8.91 30.28 3.77
N ILE B 127 8.38 31.50 3.81
CA ILE B 127 8.48 32.44 2.70
C ILE B 127 9.62 33.42 2.99
N SER B 128 10.53 33.56 2.04
CA SER B 128 11.60 34.54 2.17
C SER B 128 11.07 35.95 1.94
N ALA B 129 11.69 36.92 2.61
CA ALA B 129 11.26 38.30 2.48
C ALA B 129 11.63 38.86 1.11
N PRO B 130 10.71 39.55 0.45
CA PRO B 130 11.01 40.14 -0.85
C PRO B 130 11.81 41.43 -0.70
N THR B 131 12.13 42.03 -1.85
CA THR B 131 12.88 43.27 -1.91
C THR B 131 12.01 44.38 -2.47
N ILE B 132 12.14 45.57 -1.90
CA ILE B 132 11.38 46.74 -2.32
C ILE B 132 12.35 47.81 -2.81
N THR B 133 12.11 48.31 -4.02
CA THR B 133 12.93 49.35 -4.62
C THR B 133 12.09 50.61 -4.79
N ILE B 134 12.62 51.73 -4.32
CA ILE B 134 11.91 53.00 -4.37
C ILE B 134 12.32 53.75 -5.63
N ILE B 135 11.35 54.07 -6.47
CA ILE B 135 11.56 54.85 -7.68
C ILE B 135 10.94 56.22 -7.45
N SER B 136 11.76 57.26 -7.44
CA SER B 136 11.28 58.62 -7.24
C SER B 136 11.00 59.30 -8.58
N PRO C 2 12.77 167.13 11.37
CA PRO C 2 12.55 166.36 10.15
C PRO C 2 13.79 165.54 9.75
N VAL C 3 13.61 164.24 9.58
CA VAL C 3 14.69 163.34 9.20
C VAL C 3 14.52 162.98 7.73
N ILE C 4 15.61 163.12 6.96
CA ILE C 4 15.59 162.88 5.53
C ILE C 4 16.53 161.71 5.23
N LYS C 5 16.02 160.76 4.47
CA LYS C 5 16.77 159.56 4.10
C LYS C 5 16.56 159.29 2.62
N PRO C 6 17.55 158.73 1.95
CA PRO C 6 17.36 158.35 0.55
C PRO C 6 16.45 157.14 0.41
N VAL C 7 15.88 157.01 -0.79
CA VAL C 7 14.93 155.93 -1.09
C VAL C 7 15.62 154.98 -2.06
N ILE C 8 15.84 153.75 -1.62
CA ILE C 8 16.46 152.70 -2.41
C ILE C 8 15.63 151.44 -2.26
N VAL C 9 15.37 150.76 -3.38
CA VAL C 9 14.68 149.48 -3.37
C VAL C 9 15.50 148.48 -4.17
N ALA C 10 15.62 147.26 -3.63
CA ALA C 10 16.38 146.20 -4.26
C ALA C 10 15.54 144.94 -4.35
N VAL C 11 15.74 144.18 -5.42
CA VAL C 11 14.97 142.97 -5.68
C VAL C 11 15.94 141.81 -5.86
N SER C 12 15.57 140.65 -5.32
CA SER C 12 16.38 139.45 -5.39
C SER C 12 15.87 138.53 -6.49
N SER C 13 16.65 137.48 -6.77
CA SER C 13 16.30 136.48 -7.77
C SER C 13 16.37 135.10 -7.12
N ALA C 14 15.40 134.26 -7.42
CA ALA C 14 15.38 132.92 -6.86
C ALA C 14 16.54 132.11 -7.44
N PRO C 15 17.38 131.52 -6.60
CA PRO C 15 18.53 130.74 -7.10
C PRO C 15 18.09 129.36 -7.57
N VAL C 16 19.07 128.59 -8.04
CA VAL C 16 18.83 127.24 -8.53
C VAL C 16 19.66 126.27 -7.70
N SER C 17 19.15 125.04 -7.58
CA SER C 17 19.76 124.02 -6.76
C SER C 17 20.39 122.94 -7.64
N THR C 18 21.60 122.51 -7.26
CA THR C 18 22.32 121.47 -7.98
C THR C 18 22.90 120.48 -6.98
N GLY C 19 23.08 119.23 -7.44
CA GLY C 19 23.66 118.20 -6.61
C GLY C 19 22.62 117.35 -5.90
N GLY C 20 23.13 116.43 -5.09
CA GLY C 20 22.29 115.53 -4.32
C GLY C 20 22.65 114.07 -4.48
N VAL C 21 22.90 113.39 -3.36
CA VAL C 21 23.27 111.98 -3.34
C VAL C 21 22.41 111.27 -2.29
N ILE C 22 21.84 110.14 -2.68
CA ILE C 22 20.92 109.39 -1.82
C ILE C 22 21.48 107.99 -1.61
N ALA C 23 21.53 107.54 -0.36
CA ALA C 23 21.95 106.20 -0.01
C ALA C 23 20.78 105.46 0.63
N THR C 24 20.61 104.20 0.25
CA THR C 24 19.47 103.40 0.68
C THR C 24 19.93 102.03 1.17
N THR C 25 19.15 101.46 2.08
CA THR C 25 19.38 100.11 2.57
C THR C 25 18.05 99.36 2.61
N VAL C 26 18.13 98.04 2.52
CA VAL C 26 16.96 97.18 2.52
C VAL C 26 17.11 96.14 3.62
N SER C 27 16.09 96.00 4.46
CA SER C 27 16.13 95.06 5.58
C SER C 27 15.11 93.95 5.36
N PRO C 28 15.54 92.75 5.00
CA PRO C 28 14.61 91.63 4.84
C PRO C 28 14.48 90.80 6.10
N THR C 29 13.25 90.40 6.40
CA THR C 29 12.96 89.54 7.53
C THR C 29 12.08 88.38 7.06
N VAL C 30 12.38 87.17 7.54
CA VAL C 30 11.69 85.96 7.12
C VAL C 30 11.25 85.22 8.36
N ALA C 31 9.94 85.17 8.60
CA ALA C 31 9.37 84.38 9.68
C ALA C 31 9.18 82.94 9.22
N ARG C 32 9.20 82.02 10.18
CA ARG C 32 9.21 80.60 9.87
C ARG C 32 8.40 79.86 10.92
N PHE C 33 7.29 79.25 10.51
CA PHE C 33 6.42 78.51 11.40
C PHE C 33 6.19 77.11 10.87
N TYR C 34 5.84 76.20 11.78
CA TYR C 34 5.72 74.78 11.47
C TYR C 34 4.42 74.23 12.02
N ALA C 35 3.88 73.21 11.34
CA ALA C 35 2.66 72.56 11.77
C ALA C 35 2.79 71.05 11.64
N ALA C 36 2.05 70.35 12.49
CA ALA C 36 1.99 68.89 12.52
C ALA C 36 0.54 68.43 12.40
N ILE C 37 -0.13 68.94 11.36
CA ILE C 37 -1.59 68.81 11.24
C ILE C 37 -2.00 67.36 11.30
N THR C 38 -3.20 67.11 11.83
CA THR C 38 -3.75 65.78 11.99
C THR C 38 -5.14 65.71 11.35
N ALA C 39 -5.78 64.56 11.48
CA ALA C 39 -7.14 64.36 11.01
C ALA C 39 -8.19 64.68 12.07
N ALA C 40 -7.76 65.15 13.23
CA ALA C 40 -8.71 65.42 14.32
C ALA C 40 -9.65 66.57 13.98
N MET C 41 -9.24 67.43 13.04
CA MET C 41 -10.02 68.62 12.72
C MET C 41 -10.29 68.79 11.22
N ILE C 42 -10.02 67.79 10.40
CA ILE C 42 -10.32 67.88 8.98
C ILE C 42 -11.84 67.86 8.80
N ALA C 43 -12.41 68.99 8.39
CA ALA C 43 -13.85 69.11 8.24
C ALA C 43 -14.31 69.03 6.79
N GLY C 44 -13.39 68.98 5.83
CA GLY C 44 -13.76 68.81 4.44
C GLY C 44 -13.66 70.08 3.62
N GLY C 45 -14.08 71.21 4.18
CA GLY C 45 -14.04 72.45 3.43
C GLY C 45 -13.27 73.57 4.11
N VAL C 46 -13.19 73.55 5.44
CA VAL C 46 -12.56 74.63 6.19
C VAL C 46 -11.48 74.03 7.08
N THR C 47 -10.80 73.00 6.59
CA THR C 47 -9.72 72.39 7.35
C THR C 47 -8.56 73.37 7.41
N THR C 48 -8.45 74.14 8.51
CA THR C 48 -7.48 75.21 8.60
C THR C 48 -6.94 75.26 10.03
N ILE C 49 -5.62 75.23 10.16
CA ILE C 49 -4.98 75.11 11.47
C ILE C 49 -5.02 76.44 12.20
N PRO C 50 -5.64 76.50 13.39
CA PRO C 50 -5.86 77.79 14.05
C PRO C 50 -4.72 78.25 14.96
N ALA C 51 -4.36 79.52 14.80
CA ALA C 51 -3.58 80.29 15.75
C ALA C 51 -2.41 79.54 16.38
N ALA C 52 -2.58 79.14 17.65
CA ALA C 52 -1.49 78.62 18.46
C ALA C 52 -1.17 77.17 18.14
N SER C 53 -1.87 76.56 17.18
CA SER C 53 -1.55 75.19 16.78
C SER C 53 -0.38 75.20 15.80
N PHE C 54 0.70 75.88 16.18
CA PHE C 54 1.87 76.06 15.33
C PHE C 54 3.11 76.08 16.21
N LEU C 55 4.13 75.32 15.84
CA LEU C 55 5.43 75.40 16.48
C LEU C 55 6.32 76.35 15.68
N ASP C 56 6.95 77.28 16.39
CA ASP C 56 7.64 78.39 15.73
C ASP C 56 9.14 78.30 15.98
N ASP C 57 9.91 78.42 14.90
CA ASP C 57 11.36 78.54 14.94
C ASP C 57 12.01 77.43 15.76
N ALA C 58 12.33 77.73 17.02
CA ALA C 58 13.05 76.82 17.91
C ALA C 58 12.10 76.08 18.84
N ASP C 59 10.93 75.70 18.33
CA ASP C 59 9.88 74.94 19.01
C ASP C 59 9.09 75.78 20.01
N ALA C 60 9.32 77.09 20.07
CA ALA C 60 8.52 77.93 20.94
C ALA C 60 7.11 78.08 20.37
N PRO C 61 6.07 77.76 21.13
CA PRO C 61 4.70 77.91 20.61
C PRO C 61 4.39 79.37 20.29
N VAL C 62 3.55 79.56 19.27
CA VAL C 62 3.20 80.88 18.78
C VAL C 62 1.75 81.17 19.18
N ALA C 63 1.37 82.44 19.05
CA ALA C 63 0.02 82.90 19.39
C ALA C 63 -0.86 83.11 18.18
N ALA C 64 -0.42 83.93 17.22
CA ALA C 64 -1.21 84.22 16.04
C ALA C 64 -0.28 84.29 14.83
N LEU C 65 -0.81 84.75 13.70
CA LEU C 65 -0.05 84.76 12.47
C LEU C 65 0.11 86.19 11.94
N PRO C 66 1.31 86.56 11.50
CA PRO C 66 1.51 87.90 10.94
C PRO C 66 0.94 88.02 9.53
N VAL C 67 -0.34 88.34 9.44
CA VAL C 67 -1.07 88.49 8.18
C VAL C 67 -0.21 89.23 7.16
N PRO C 68 -0.07 88.70 5.95
CA PRO C 68 0.77 89.36 4.94
C PRO C 68 0.20 90.71 4.53
N ALA C 69 0.96 91.76 4.81
CA ALA C 69 0.59 93.11 4.42
C ALA C 69 0.97 93.33 2.96
N ALA C 70 0.97 94.59 2.52
CA ALA C 70 1.31 94.94 1.15
C ALA C 70 2.81 95.01 0.90
N ASN C 71 3.64 94.79 1.92
CA ASN C 71 5.09 94.84 1.79
C ASN C 71 5.70 93.51 2.19
N GLY C 72 5.06 92.40 1.82
CA GLY C 72 5.55 91.09 2.17
C GLY C 72 4.91 90.01 1.33
N TYR C 73 5.28 88.78 1.62
CA TYR C 73 4.76 87.63 0.89
C TYR C 73 4.81 86.42 1.81
N TYR C 74 3.96 85.44 1.52
CA TYR C 74 3.90 84.19 2.27
C TYR C 74 3.79 83.02 1.31
N ASN C 75 4.39 81.91 1.68
CA ASN C 75 4.34 80.68 0.89
C ASN C 75 3.84 79.54 1.76
N VAL C 76 3.00 78.69 1.18
CA VAL C 76 2.35 77.61 1.91
C VAL C 76 2.91 76.29 1.41
N TYR C 77 3.59 75.57 2.30
CA TYR C 77 4.24 74.30 1.97
C TYR C 77 3.41 73.16 2.56
N ILE C 78 3.01 72.23 1.70
CA ILE C 78 2.32 71.01 2.14
C ILE C 78 3.13 69.82 1.66
N ASN C 79 3.68 69.06 2.61
CA ASN C 79 4.54 67.91 2.32
C ASN C 79 5.70 68.30 1.42
N GLY C 80 6.26 69.47 1.68
CA GLY C 80 7.39 69.98 0.90
C GLY C 80 7.06 70.66 -0.41
N ILE C 81 6.07 70.15 -1.14
CA ILE C 81 5.67 70.77 -2.40
C ILE C 81 5.03 72.12 -2.13
N LEU C 82 5.38 73.11 -2.94
CA LEU C 82 4.71 74.41 -2.81
C LEU C 82 3.26 74.31 -3.29
N GLN C 83 2.49 75.32 -2.92
CA GLN C 83 1.13 75.46 -3.43
C GLN C 83 0.92 76.89 -3.90
N GLN C 84 -0.33 77.24 -4.22
CA GLN C 84 -0.60 78.55 -4.80
C GLN C 84 -1.74 79.25 -4.07
N GLY C 85 -2.24 80.34 -4.64
CA GLY C 85 -3.25 81.14 -3.99
C GLY C 85 -4.52 80.39 -3.65
N GLY C 86 -4.82 79.30 -4.36
CA GLY C 86 -6.04 78.57 -4.07
C GLY C 86 -6.06 78.01 -2.66
N LEU C 87 -4.98 77.34 -2.26
CA LEU C 87 -4.85 76.85 -0.89
C LEU C 87 -4.06 77.82 -0.01
N SER C 88 -4.43 79.09 -0.01
CA SER C 88 -3.65 80.07 0.74
C SER C 88 -4.47 81.34 0.96
N THR C 89 -4.76 81.63 2.22
CA THR C 89 -5.20 82.97 2.64
C THR C 89 -5.01 83.05 4.14
N LEU C 90 -4.08 83.90 4.60
CA LEU C 90 -3.68 83.94 5.99
C LEU C 90 -4.38 85.09 6.70
N THR C 91 -5.15 84.76 7.72
CA THR C 91 -5.71 85.73 8.65
C THR C 91 -5.01 85.56 10.00
N ALA C 92 -5.43 86.37 10.97
CA ALA C 92 -4.81 86.30 12.29
C ALA C 92 -5.16 85.00 13.02
N VAL C 93 -6.12 84.25 12.52
CA VAL C 93 -6.61 83.06 13.25
C VAL C 93 -6.04 81.77 12.65
N SER C 94 -6.13 81.58 11.35
CA SER C 94 -5.78 80.29 10.77
C SER C 94 -5.43 80.46 9.30
N LEU C 95 -5.20 79.33 8.62
CA LEU C 95 -4.94 79.31 7.19
C LEU C 95 -6.29 79.24 6.47
N ALA C 96 -6.29 79.05 5.16
CA ALA C 96 -7.51 78.98 4.37
C ALA C 96 -7.42 77.86 3.33
N LEU C 97 -7.00 76.67 3.76
CA LEU C 97 -6.92 75.54 2.86
C LEU C 97 -8.27 75.29 2.19
N ALA C 98 -8.23 75.05 0.87
CA ALA C 98 -9.44 75.04 0.07
C ALA C 98 -10.42 73.97 0.54
N SER C 99 -9.93 72.76 0.79
CA SER C 99 -10.80 71.66 1.18
C SER C 99 -10.00 70.65 1.98
N GLY C 100 -10.72 69.82 2.73
CA GLY C 100 -10.08 68.79 3.52
C GLY C 100 -9.90 67.50 2.74
N ASP C 101 -8.72 67.34 2.15
CA ASP C 101 -8.36 66.08 1.49
C ASP C 101 -6.85 65.88 1.64
N PHE C 102 -6.46 65.22 2.73
CA PHE C 102 -5.07 65.16 3.15
C PHE C 102 -4.77 63.74 3.63
N VAL C 103 -3.66 63.60 4.34
CA VAL C 103 -3.25 62.35 4.96
C VAL C 103 -2.97 62.62 6.43
N GLU C 104 -2.49 61.59 7.13
CA GLU C 104 -2.26 61.68 8.57
C GLU C 104 -0.90 62.30 8.83
N GLY C 105 -0.86 63.33 9.68
CA GLY C 105 0.38 63.87 10.18
C GLY C 105 1.33 64.42 9.13
N THR C 106 0.80 64.93 8.02
CA THR C 106 1.67 65.46 6.98
C THR C 106 2.34 66.75 7.45
N PRO C 107 3.60 66.97 7.06
CA PRO C 107 4.30 68.19 7.48
C PRO C 107 3.91 69.37 6.60
N VAL C 108 3.26 70.36 7.21
CA VAL C 108 2.86 71.58 6.53
C VAL C 108 3.57 72.74 7.21
N LEU C 109 4.34 73.51 6.44
CA LEU C 109 5.15 74.57 7.00
C LEU C 109 4.92 75.87 6.24
N LEU C 110 4.95 76.97 6.97
CA LEU C 110 4.64 78.30 6.44
C LEU C 110 5.83 79.22 6.60
N GLU C 111 6.12 79.99 5.56
CA GLU C 111 7.14 81.03 5.60
C GLU C 111 6.47 82.37 5.37
N VAL C 112 6.79 83.35 6.22
CA VAL C 112 6.26 84.70 6.11
C VAL C 112 7.43 85.66 6.04
N GLY C 113 7.41 86.53 5.04
CA GLY C 113 8.48 87.48 4.86
C GLY C 113 7.96 88.90 4.81
N THR C 114 8.81 89.83 5.23
CA THR C 114 8.51 91.25 5.20
C THR C 114 9.73 92.01 4.71
N PHE C 115 9.52 93.28 4.36
CA PHE C 115 10.59 94.07 3.78
C PHE C 115 10.46 95.51 4.24
N GLY C 116 11.53 96.04 4.82
CA GLY C 116 11.58 97.44 5.21
C GLY C 116 12.90 98.05 4.83
N GLY C 117 12.87 99.32 4.51
CA GLY C 117 14.06 100.02 4.05
C GLY C 117 14.10 101.44 4.56
N ASP C 118 15.31 101.96 4.70
CA ASP C 118 15.54 103.32 5.15
C ASP C 118 16.57 103.99 4.25
N SER C 119 16.63 105.31 4.34
CA SER C 119 17.51 106.08 3.47
C SER C 119 17.83 107.42 4.12
N THR C 120 18.86 108.07 3.60
CA THR C 120 19.27 109.37 4.10
C THR C 120 19.92 110.16 2.97
N LEU C 121 19.94 111.48 3.14
CA LEU C 121 20.57 112.38 2.17
C LEU C 121 21.99 112.65 2.65
N THR C 122 22.94 111.96 2.03
CA THR C 122 24.34 112.07 2.44
C THR C 122 24.92 113.42 2.02
N THR C 123 24.92 113.69 0.72
CA THR C 123 25.50 114.92 0.18
C THR C 123 24.39 115.93 -0.07
N GLN C 124 24.51 117.10 0.54
CA GLN C 124 23.49 118.12 0.40
C GLN C 124 23.60 118.80 -0.97
N PRO C 125 22.48 119.25 -1.52
CA PRO C 125 22.53 119.98 -2.80
C PRO C 125 23.25 121.31 -2.65
N THR C 126 23.84 121.77 -3.75
CA THR C 126 24.53 123.04 -3.81
C THR C 126 23.60 124.10 -4.39
N ILE C 127 23.52 125.25 -3.73
CA ILE C 127 22.64 126.33 -4.13
C ILE C 127 23.45 127.40 -4.83
N SER C 128 22.97 127.86 -5.99
CA SER C 128 23.65 128.90 -6.74
C SER C 128 23.46 130.25 -6.04
N ALA C 129 24.22 131.24 -6.49
CA ALA C 129 24.14 132.56 -5.89
C ALA C 129 23.03 133.38 -6.54
N PRO C 130 22.19 134.02 -5.75
CA PRO C 130 21.11 134.83 -6.31
C PRO C 130 21.64 136.12 -6.91
N THR C 131 20.79 136.75 -7.73
CA THR C 131 21.10 138.01 -8.38
C THR C 131 20.26 139.11 -7.75
N ILE C 132 20.89 140.23 -7.43
CA ILE C 132 20.23 141.37 -6.80
C ILE C 132 20.45 142.60 -7.65
N THR C 133 19.39 143.38 -7.87
CA THR C 133 19.45 144.59 -8.67
C THR C 133 19.03 145.77 -7.80
N ILE C 134 19.78 146.86 -7.89
CA ILE C 134 19.52 148.06 -7.11
C ILE C 134 18.73 149.04 -7.96
N ILE C 135 17.57 149.44 -7.46
CA ILE C 135 16.71 150.41 -8.13
C ILE C 135 16.76 151.69 -7.32
N SER C 136 17.48 152.69 -7.81
CA SER C 136 17.60 153.96 -7.12
C SER C 136 16.31 154.77 -7.28
N PRO D 2 -17.74 -21.14 10.33
CA PRO D 2 -17.51 -21.88 9.08
C PRO D 2 -16.19 -22.64 9.08
N VAL D 3 -16.26 -23.96 9.17
CA VAL D 3 -15.09 -24.83 9.13
C VAL D 3 -14.98 -25.43 7.74
N ILE D 4 -13.78 -25.35 7.16
CA ILE D 4 -13.56 -25.78 5.79
C ILE D 4 -12.43 -26.81 5.76
N LYS D 5 -12.65 -27.88 5.01
CA LYS D 5 -11.68 -28.95 4.85
C LYS D 5 -11.55 -29.30 3.37
N PRO D 6 -10.39 -29.79 2.95
CA PRO D 6 -10.22 -30.19 1.55
C PRO D 6 -11.11 -31.36 1.20
N VAL D 7 -11.52 -31.42 -0.06
CA VAL D 7 -12.38 -32.50 -0.56
C VAL D 7 -11.49 -33.46 -1.34
N ILE D 8 -11.30 -34.66 -0.79
CA ILE D 8 -10.49 -35.70 -1.42
C ILE D 8 -11.24 -37.02 -1.29
N VAL D 9 -11.30 -37.77 -2.39
CA VAL D 9 -11.90 -39.10 -2.40
C VAL D 9 -10.92 -40.07 -3.03
N ALA D 10 -11.03 -41.34 -2.66
CA ALA D 10 -10.15 -42.38 -3.14
C ALA D 10 -10.90 -43.70 -3.23
N VAL D 11 -10.58 -44.49 -4.24
CA VAL D 11 -11.25 -45.76 -4.51
C VAL D 11 -10.23 -46.87 -4.47
N SER D 12 -10.62 -48.00 -3.87
CA SER D 12 -9.75 -49.17 -3.74
C SER D 12 -10.07 -50.19 -4.82
N SER D 13 -9.09 -51.04 -5.10
CA SER D 13 -9.25 -52.09 -6.10
C SER D 13 -9.75 -53.37 -5.43
N ALA D 14 -9.74 -54.47 -6.17
CA ALA D 14 -10.19 -55.77 -5.65
C ALA D 14 -8.99 -56.69 -5.49
N PRO D 15 -8.70 -57.14 -4.28
CA PRO D 15 -7.54 -58.02 -4.08
C PRO D 15 -7.75 -59.39 -4.71
N VAL D 16 -6.64 -60.09 -4.92
CA VAL D 16 -6.63 -61.40 -5.54
C VAL D 16 -5.98 -62.40 -4.60
N SER D 17 -6.56 -63.59 -4.49
CA SER D 17 -6.05 -64.64 -3.62
C SER D 17 -5.09 -65.55 -4.36
N THR D 18 -4.17 -66.15 -3.61
CA THR D 18 -3.15 -67.04 -4.16
C THR D 18 -2.95 -68.22 -3.24
N GLY D 19 -2.88 -69.42 -3.82
CA GLY D 19 -2.56 -70.62 -3.06
C GLY D 19 -3.75 -71.26 -2.36
N GLY D 20 -3.43 -72.25 -1.54
CA GLY D 20 -4.42 -72.99 -0.79
C GLY D 20 -4.07 -74.47 -0.72
N VAL D 21 -4.19 -75.03 0.48
CA VAL D 21 -3.85 -76.43 0.73
C VAL D 21 -4.96 -77.06 1.57
N ILE D 22 -5.35 -78.28 1.20
CA ILE D 22 -6.42 -79.00 1.87
C ILE D 22 -5.92 -80.41 2.22
N ALA D 23 -6.16 -80.82 3.47
CA ALA D 23 -5.81 -82.15 3.94
C ALA D 23 -7.08 -82.91 4.32
N THR D 24 -7.15 -84.18 3.93
CA THR D 24 -8.36 -84.97 4.07
C THR D 24 -8.08 -86.26 4.82
N THR D 25 -9.13 -86.81 5.44
CA THR D 25 -9.07 -88.09 6.12
C THR D 25 -10.32 -88.89 5.79
N VAL D 26 -10.20 -90.22 5.83
CA VAL D 26 -11.28 -91.14 5.55
C VAL D 26 -11.44 -92.08 6.73
N SER D 27 -12.68 -92.26 7.19
CA SER D 27 -12.97 -93.12 8.34
C SER D 27 -13.95 -94.22 7.95
N PRO D 28 -13.48 -95.40 7.58
CA PRO D 28 -14.38 -96.51 7.26
C PRO D 28 -14.68 -97.37 8.48
N THR D 29 -15.90 -97.90 8.50
CA THR D 29 -16.35 -98.79 9.56
C THR D 29 -17.07 -99.98 8.95
N VAL D 30 -16.86 -101.15 9.52
CA VAL D 30 -17.46 -102.39 9.05
C VAL D 30 -18.10 -103.10 10.23
N ALA D 31 -19.39 -103.44 10.09
CA ALA D 31 -20.14 -104.14 11.12
C ALA D 31 -20.52 -105.53 10.62
N ARG D 32 -20.44 -106.51 11.51
CA ARG D 32 -20.68 -107.90 11.16
C ARG D 32 -21.78 -108.46 12.04
N PHE D 33 -22.86 -108.94 11.42
CA PHE D 33 -23.98 -109.52 12.13
C PHE D 33 -24.16 -110.97 11.69
N TYR D 34 -24.46 -111.83 12.66
CA TYR D 34 -24.57 -113.26 12.46
C TYR D 34 -26.05 -113.69 12.41
N ALA D 35 -26.28 -114.82 11.77
CA ALA D 35 -27.63 -115.37 11.65
C ALA D 35 -27.54 -116.89 11.61
N ALA D 36 -28.69 -117.52 11.87
CA ALA D 36 -28.82 -118.97 11.76
C ALA D 36 -30.24 -119.25 11.29
N ILE D 37 -30.41 -119.43 9.98
CA ILE D 37 -31.75 -119.56 9.42
C ILE D 37 -32.38 -120.89 9.85
N THR D 38 -33.70 -120.93 9.78
CA THR D 38 -34.46 -122.12 10.15
C THR D 38 -35.72 -122.16 9.29
N ALA D 39 -36.29 -123.36 9.16
CA ALA D 39 -37.50 -123.53 8.37
C ALA D 39 -38.71 -122.87 9.02
N ALA D 40 -38.58 -122.41 10.26
CA ALA D 40 -39.67 -121.72 10.93
C ALA D 40 -40.03 -120.42 10.21
N MET D 41 -39.02 -119.65 9.80
CA MET D 41 -39.24 -118.38 9.14
C MET D 41 -39.13 -118.47 7.61
N ILE D 42 -38.97 -119.68 7.07
CA ILE D 42 -38.91 -119.87 5.63
C ILE D 42 -40.29 -120.33 5.17
N ALA D 43 -40.82 -119.66 4.14
CA ALA D 43 -42.17 -119.90 3.67
C ALA D 43 -42.20 -120.08 2.16
N GLY D 44 -41.19 -120.77 1.63
CA GLY D 44 -41.14 -121.04 0.21
C GLY D 44 -41.08 -119.78 -0.64
N GLY D 45 -40.21 -118.85 -0.26
CA GLY D 45 -40.15 -117.56 -0.88
C GLY D 45 -40.42 -116.47 0.14
N VAL D 46 -40.02 -115.24 -0.16
CA VAL D 46 -40.13 -114.06 0.70
C VAL D 46 -39.75 -114.39 2.14
N THR D 47 -38.76 -115.27 2.31
CA THR D 47 -38.27 -115.61 3.63
C THR D 47 -37.81 -114.34 4.35
N THR D 48 -38.59 -113.93 5.33
CA THR D 48 -38.42 -112.64 5.97
C THR D 48 -37.87 -112.88 7.37
N ILE D 49 -36.57 -113.05 7.47
CA ILE D 49 -35.89 -113.35 8.73
C ILE D 49 -35.77 -112.06 9.54
N PRO D 50 -36.33 -112.02 10.74
CA PRO D 50 -36.57 -110.73 11.41
C PRO D 50 -35.29 -110.13 11.96
N ALA D 51 -35.41 -108.86 12.35
CA ALA D 51 -34.34 -108.12 13.00
C ALA D 51 -34.08 -108.59 14.42
N ALA D 52 -34.78 -109.63 14.87
CA ALA D 52 -34.54 -110.23 16.17
C ALA D 52 -33.94 -111.62 16.11
N SER D 53 -34.05 -112.31 14.99
CA SER D 53 -33.45 -113.65 14.85
C SER D 53 -32.04 -113.55 14.28
N PHE D 54 -31.23 -112.68 14.88
CA PHE D 54 -29.85 -112.46 14.46
C PHE D 54 -28.93 -112.49 15.67
N LEU D 55 -27.68 -112.85 15.44
CA LEU D 55 -26.65 -112.65 16.44
C LEU D 55 -25.80 -111.43 16.07
N ASP D 56 -25.02 -110.95 17.02
CA ASP D 56 -24.28 -109.71 16.81
C ASP D 56 -22.88 -109.83 17.36
N ASP D 57 -21.91 -109.36 16.56
CA ASP D 57 -20.50 -109.24 16.92
C ASP D 57 -19.99 -110.31 17.86
N ALA D 58 -20.08 -110.06 19.17
CA ALA D 58 -19.47 -110.94 20.16
C ALA D 58 -20.55 -111.65 20.97
N ASP D 59 -21.56 -112.15 20.28
CA ASP D 59 -22.71 -112.91 20.79
C ASP D 59 -23.73 -112.00 21.46
N ALA D 60 -23.59 -110.67 21.33
CA ALA D 60 -24.58 -109.78 21.89
C ALA D 60 -25.91 -109.92 21.14
N PRO D 61 -27.04 -109.70 21.80
CA PRO D 61 -28.32 -109.78 21.11
C PRO D 61 -28.48 -108.66 20.09
N VAL D 62 -29.39 -108.88 19.15
CA VAL D 62 -29.62 -107.96 18.04
C VAL D 62 -30.90 -107.19 18.31
N ALA D 63 -30.94 -105.95 17.81
CA ALA D 63 -32.10 -105.08 17.95
C ALA D 63 -32.73 -104.74 16.60
N ALA D 64 -31.97 -104.19 15.67
CA ALA D 64 -32.48 -103.82 14.36
C ALA D 64 -31.31 -103.84 13.37
N LEU D 65 -31.57 -103.42 12.14
CA LEU D 65 -30.58 -103.45 11.09
C LEU D 65 -30.32 -102.04 10.57
N PRO D 66 -29.06 -101.59 10.55
CA PRO D 66 -28.76 -100.26 10.01
C PRO D 66 -28.79 -100.24 8.49
N VAL D 67 -29.98 -100.04 7.94
CA VAL D 67 -30.21 -100.01 6.49
C VAL D 67 -29.15 -99.16 5.81
N PRO D 68 -28.50 -99.67 4.76
CA PRO D 68 -27.43 -98.90 4.11
C PRO D 68 -27.97 -97.63 3.48
N ALA D 69 -27.36 -96.51 3.85
CA ALA D 69 -27.70 -95.22 3.27
C ALA D 69 -26.89 -95.01 2.00
N ALA D 70 -26.87 -93.78 1.49
CA ALA D 70 -26.15 -93.47 0.26
C ALA D 70 -24.64 -93.40 0.46
N ASN D 71 -24.14 -93.63 1.68
CA ASN D 71 -22.71 -93.60 1.95
C ASN D 71 -22.24 -94.91 2.56
N GLY D 72 -22.79 -96.03 2.10
CA GLY D 72 -22.40 -97.33 2.61
C GLY D 72 -22.82 -98.44 1.68
N TYR D 73 -22.35 -99.63 1.98
CA TYR D 73 -22.64 -100.82 1.20
C TYR D 73 -22.83 -102.01 2.13
N TYR D 74 -23.59 -103.00 1.66
CA TYR D 74 -23.86 -104.20 2.43
C TYR D 74 -23.80 -105.41 1.51
N ASN D 75 -23.29 -106.52 2.03
CA ASN D 75 -23.24 -107.78 1.31
C ASN D 75 -24.05 -108.82 2.05
N VAL D 76 -24.71 -109.70 1.28
CA VAL D 76 -25.55 -110.74 1.84
C VAL D 76 -24.91 -112.08 1.53
N TYR D 77 -24.61 -112.84 2.59
CA TYR D 77 -23.96 -114.14 2.48
C TYR D 77 -24.96 -115.25 2.74
N ILE D 78 -24.94 -116.27 1.89
CA ILE D 78 -25.71 -117.49 2.09
C ILE D 78 -24.74 -118.65 2.00
N ASN D 79 -24.48 -119.29 3.16
CA ASN D 79 -23.48 -120.35 3.26
C ASN D 79 -22.10 -119.88 2.81
N GLY D 80 -21.81 -118.60 3.03
CA GLY D 80 -20.51 -118.05 2.68
C GLY D 80 -20.29 -117.79 1.21
N ILE D 81 -21.36 -117.70 0.42
CA ILE D 81 -21.27 -117.44 -1.01
C ILE D 81 -22.01 -116.15 -1.29
N LEU D 82 -21.31 -115.19 -1.93
CA LEU D 82 -21.94 -113.92 -2.23
C LEU D 82 -23.12 -114.11 -3.17
N GLN D 83 -24.19 -113.38 -2.90
CA GLN D 83 -25.36 -113.38 -3.77
C GLN D 83 -25.70 -111.94 -4.12
N GLN D 84 -26.26 -111.76 -5.31
CA GLN D 84 -26.46 -110.44 -5.87
C GLN D 84 -27.69 -109.80 -5.23
N GLY D 85 -28.16 -108.69 -5.82
CA GLY D 85 -29.28 -107.97 -5.26
C GLY D 85 -30.59 -108.73 -5.36
N GLY D 86 -30.63 -109.79 -6.17
CA GLY D 86 -31.85 -110.56 -6.31
C GLY D 86 -32.32 -111.16 -5.00
N LEU D 87 -31.37 -111.60 -4.18
CA LEU D 87 -31.67 -112.18 -2.87
C LEU D 87 -31.50 -111.18 -1.74
N SER D 88 -31.32 -109.90 -2.04
CA SER D 88 -30.97 -108.91 -1.02
C SER D 88 -31.82 -107.66 -1.20
N THR D 89 -32.70 -107.42 -0.23
CA THR D 89 -33.36 -106.12 -0.06
C THR D 89 -33.58 -105.96 1.44
N LEU D 90 -32.63 -105.30 2.11
CA LEU D 90 -32.53 -105.31 3.56
C LEU D 90 -33.17 -104.04 4.11
N THR D 91 -34.26 -104.21 4.84
CA THR D 91 -34.88 -103.14 5.60
C THR D 91 -34.42 -103.21 7.05
N ALA D 92 -35.03 -102.39 7.91
CA ALA D 92 -34.62 -102.30 9.29
C ALA D 92 -35.28 -103.34 10.18
N VAL D 93 -36.09 -104.24 9.60
CA VAL D 93 -36.82 -105.22 10.40
C VAL D 93 -36.41 -106.63 9.98
N SER D 94 -35.84 -106.76 8.79
CA SER D 94 -35.61 -108.08 8.23
C SER D 94 -34.79 -107.97 6.94
N LEU D 95 -34.61 -109.11 6.30
CA LEU D 95 -33.97 -109.22 4.99
C LEU D 95 -34.95 -109.88 4.02
N ALA D 96 -34.94 -109.43 2.77
CA ALA D 96 -35.96 -109.86 1.81
C ALA D 96 -35.88 -111.36 1.55
N LEU D 97 -34.70 -111.85 1.17
CA LEU D 97 -34.48 -113.26 0.83
C LEU D 97 -35.59 -113.77 -0.11
N ALA D 98 -35.57 -113.19 -1.32
CA ALA D 98 -36.67 -113.34 -2.28
C ALA D 98 -37.26 -114.74 -2.34
N SER D 99 -36.40 -115.75 -2.46
CA SER D 99 -36.85 -117.13 -2.56
C SER D 99 -36.36 -117.93 -1.37
N GLY D 100 -37.12 -118.97 -1.02
CA GLY D 100 -36.72 -119.85 0.05
C GLY D 100 -36.56 -121.29 -0.39
N ASP D 101 -35.31 -121.77 -0.42
CA ASP D 101 -35.02 -123.14 -0.80
C ASP D 101 -33.85 -123.71 0.00
N PHE D 102 -33.55 -123.13 1.16
CA PHE D 102 -32.32 -123.46 1.88
C PHE D 102 -32.52 -124.76 2.65
N VAL D 103 -31.58 -125.05 3.56
CA VAL D 103 -31.58 -126.25 4.37
C VAL D 103 -31.64 -125.83 5.84
N GLU D 104 -31.62 -126.83 6.72
CA GLU D 104 -31.76 -126.60 8.16
C GLU D 104 -30.44 -126.01 8.69
N GLY D 105 -30.50 -124.74 9.06
CA GLY D 105 -29.38 -124.10 9.72
C GLY D 105 -28.28 -123.65 8.77
N THR D 106 -28.65 -123.05 7.65
CA THR D 106 -27.65 -122.54 6.72
C THR D 106 -26.89 -121.38 7.37
N PRO D 107 -25.57 -121.44 7.45
CA PRO D 107 -24.82 -120.33 8.06
C PRO D 107 -24.86 -119.07 7.20
N VAL D 108 -25.60 -118.07 7.66
CA VAL D 108 -25.81 -116.82 6.95
C VAL D 108 -25.34 -115.68 7.83
N LEU D 109 -24.69 -114.69 7.25
CA LEU D 109 -24.28 -113.53 8.01
C LEU D 109 -24.24 -112.31 7.09
N LEU D 110 -24.30 -111.13 7.71
CA LEU D 110 -24.41 -109.86 7.01
C LEU D 110 -23.24 -108.97 7.38
N GLU D 111 -22.70 -108.28 6.38
CA GLU D 111 -21.71 -107.24 6.60
C GLU D 111 -22.27 -105.91 6.14
N VAL D 112 -22.18 -104.89 6.99
CA VAL D 112 -22.67 -103.55 6.69
C VAL D 112 -21.54 -102.58 6.95
N GLY D 113 -21.25 -101.72 5.97
CA GLY D 113 -20.17 -100.78 6.07
C GLY D 113 -20.66 -99.35 5.89
N THR D 114 -19.96 -98.42 6.53
CA THR D 114 -20.25 -97.00 6.42
C THR D 114 -18.95 -96.25 6.17
N PHE D 115 -19.07 -95.05 5.61
CA PHE D 115 -17.90 -94.26 5.23
C PHE D 115 -18.14 -92.81 5.60
N GLY D 116 -17.23 -92.26 6.41
CA GLY D 116 -17.27 -90.85 6.74
C GLY D 116 -15.86 -90.28 6.69
N GLY D 117 -15.80 -88.97 6.43
CA GLY D 117 -14.53 -88.30 6.31
C GLY D 117 -14.63 -86.85 6.69
N ASP D 118 -13.52 -86.29 7.17
CA ASP D 118 -13.43 -84.90 7.55
C ASP D 118 -12.16 -84.30 6.97
N SER D 119 -12.14 -82.97 6.87
CA SER D 119 -11.00 -82.29 6.28
C SER D 119 -10.91 -80.89 6.86
N THR D 120 -9.69 -80.35 6.85
CA THR D 120 -9.42 -79.01 7.37
C THR D 120 -8.49 -78.28 6.41
N LEU D 121 -8.54 -76.95 6.48
CA LEU D 121 -7.66 -76.10 5.70
C LEU D 121 -6.41 -75.82 6.51
N THR D 122 -5.25 -76.24 5.99
CA THR D 122 -4.00 -76.10 6.71
C THR D 122 -3.26 -74.82 6.33
N THR D 123 -2.93 -74.65 5.05
CA THR D 123 -2.23 -73.46 4.57
C THR D 123 -3.25 -72.52 3.95
N GLN D 124 -3.60 -71.48 4.69
CA GLN D 124 -4.62 -70.55 4.22
C GLN D 124 -4.06 -69.69 3.09
N PRO D 125 -4.83 -69.44 2.05
CA PRO D 125 -4.32 -68.69 0.90
C PRO D 125 -3.92 -67.27 1.26
N THR D 126 -2.96 -66.76 0.51
CA THR D 126 -2.44 -65.41 0.69
C THR D 126 -3.15 -64.46 -0.26
N ILE D 127 -3.47 -63.26 0.23
CA ILE D 127 -4.24 -62.27 -0.52
C ILE D 127 -3.28 -61.20 -1.03
N SER D 128 -3.35 -60.92 -2.33
CA SER D 128 -2.54 -59.86 -2.92
C SER D 128 -3.03 -58.49 -2.48
N ALA D 129 -2.08 -57.57 -2.33
CA ALA D 129 -2.42 -56.23 -1.88
C ALA D 129 -3.18 -55.48 -2.99
N PRO D 130 -4.17 -54.67 -2.63
CA PRO D 130 -4.90 -53.89 -3.61
C PRO D 130 -4.13 -52.62 -3.99
N THR D 131 -4.78 -51.80 -4.82
CA THR D 131 -4.21 -50.55 -5.28
C THR D 131 -5.11 -49.39 -4.87
N ILE D 132 -4.49 -48.25 -4.56
CA ILE D 132 -5.20 -47.06 -4.10
C ILE D 132 -4.90 -45.92 -5.05
N THR D 133 -5.95 -45.24 -5.51
CA THR D 133 -5.83 -44.08 -6.37
C THR D 133 -6.46 -42.87 -5.70
N ILE D 134 -5.77 -41.74 -5.77
CA ILE D 134 -6.19 -40.52 -5.11
C ILE D 134 -6.88 -39.62 -6.12
N ILE D 135 -8.09 -39.18 -5.80
CA ILE D 135 -8.85 -38.24 -6.63
C ILE D 135 -8.88 -36.90 -5.91
N SER D 136 -8.41 -35.87 -6.59
CA SER D 136 -8.38 -34.53 -6.01
C SER D 136 -9.72 -33.83 -6.22
N PRO E 2 13.79 70.26 15.98
CA PRO E 2 12.85 69.75 14.99
C PRO E 2 13.53 68.92 13.91
N VAL E 3 13.03 67.72 13.66
CA VAL E 3 13.58 66.85 12.62
C VAL E 3 12.77 66.92 11.33
N ILE E 4 11.43 66.83 11.42
CA ILE E 4 10.46 66.94 10.33
C ILE E 4 10.89 66.22 9.05
N LYS E 5 10.26 65.07 8.80
CA LYS E 5 10.50 64.27 7.63
C LYS E 5 9.19 64.01 6.90
N PRO E 6 9.22 63.82 5.58
CA PRO E 6 7.99 63.54 4.84
C PRO E 6 7.34 62.25 5.32
N VAL E 7 6.02 62.25 5.34
CA VAL E 7 5.23 61.11 5.81
C VAL E 7 4.75 60.34 4.60
N ILE E 8 5.31 59.15 4.41
CA ILE E 8 4.94 58.26 3.30
C ILE E 8 4.60 56.90 3.87
N VAL E 9 3.49 56.32 3.42
CA VAL E 9 3.09 54.98 3.82
C VAL E 9 2.78 54.17 2.56
N ALA E 10 2.93 52.86 2.69
CA ALA E 10 2.72 51.96 1.57
C ALA E 10 2.02 50.69 2.05
N VAL E 11 1.33 50.03 1.13
CA VAL E 11 0.61 48.79 1.43
C VAL E 11 1.08 47.71 0.48
N SER E 12 0.89 46.46 0.89
CA SER E 12 1.33 45.31 0.14
C SER E 12 0.16 44.36 -0.09
N SER E 13 0.21 43.65 -1.21
CA SER E 13 -0.82 42.69 -1.57
C SER E 13 -0.30 41.27 -1.34
N ALA E 14 -1.18 40.39 -0.88
CA ALA E 14 -0.79 39.02 -0.61
C ALA E 14 -0.40 38.34 -1.92
N PRO E 15 0.73 37.64 -1.97
CA PRO E 15 1.15 36.99 -3.23
C PRO E 15 0.33 35.75 -3.54
N VAL E 16 0.62 35.11 -4.67
CA VAL E 16 -0.08 33.91 -5.11
C VAL E 16 0.93 32.81 -5.36
N SER E 17 0.64 31.61 -4.87
CA SER E 17 1.50 30.45 -5.07
C SER E 17 1.08 29.70 -6.33
N THR E 18 2.08 29.16 -7.02
CA THR E 18 1.87 28.49 -8.30
C THR E 18 2.56 27.12 -8.30
N GLY E 19 1.84 26.10 -8.73
CA GLY E 19 2.39 24.78 -9.00
C GLY E 19 2.77 24.01 -7.75
N GLY E 20 3.66 23.04 -7.94
CA GLY E 20 4.09 22.13 -6.89
C GLY E 20 3.87 20.68 -7.28
N VAL E 21 4.71 19.83 -6.69
CA VAL E 21 4.66 18.40 -6.96
C VAL E 21 5.18 17.65 -5.75
N ILE E 22 4.71 16.43 -5.56
CA ILE E 22 5.06 15.61 -4.41
C ILE E 22 5.42 14.20 -4.89
N ALA E 23 6.51 13.67 -4.36
CA ALA E 23 6.95 12.31 -4.63
C ALA E 23 6.66 11.43 -3.42
N THR E 24 6.15 10.23 -3.66
CA THR E 24 5.68 9.35 -2.59
C THR E 24 6.36 8.00 -2.67
N THR E 25 6.47 7.35 -1.51
CA THR E 25 6.99 6.01 -1.40
C THR E 25 6.11 5.21 -0.45
N VAL E 26 6.02 3.90 -0.69
CA VAL E 26 5.21 3.00 0.12
C VAL E 26 6.04 1.77 0.46
N SER E 27 5.93 1.32 1.70
CA SER E 27 6.75 0.21 2.20
C SER E 27 5.87 -0.91 2.73
N PRO E 28 5.84 -2.08 2.09
CA PRO E 28 5.09 -3.22 2.62
C PRO E 28 5.97 -4.12 3.46
N THR E 29 5.32 -4.84 4.36
CA THR E 29 6.00 -5.82 5.21
C THR E 29 5.03 -6.94 5.55
N VAL E 30 5.46 -8.18 5.35
CA VAL E 30 4.64 -9.36 5.60
C VAL E 30 5.39 -10.27 6.56
N ALA E 31 4.75 -10.64 7.66
CA ALA E 31 5.34 -11.54 8.65
C ALA E 31 4.70 -12.91 8.55
N ARG E 32 5.48 -13.94 8.84
CA ARG E 32 5.05 -15.33 8.71
C ARG E 32 5.33 -16.06 10.01
N PHE E 33 4.28 -16.59 10.64
CA PHE E 33 4.39 -17.35 11.87
C PHE E 33 3.74 -18.71 11.69
N TYR E 34 4.30 -19.72 12.34
CA TYR E 34 3.89 -21.11 12.16
C TYR E 34 3.28 -21.67 13.42
N ALA E 35 2.38 -22.63 13.25
CA ALA E 35 1.70 -23.28 14.36
C ALA E 35 1.83 -24.79 14.22
N ALA E 36 1.81 -25.48 15.37
CA ALA E 36 2.03 -26.92 15.47
C ALA E 36 0.94 -27.55 16.32
N ILE E 37 -0.32 -27.32 15.95
CA ILE E 37 -1.51 -27.70 16.71
C ILE E 37 -1.42 -29.13 17.25
N THR E 38 -1.85 -29.30 18.50
CA THR E 38 -1.97 -30.62 19.11
C THR E 38 -3.30 -30.71 19.85
N ALA E 39 -3.49 -31.76 20.65
CA ALA E 39 -4.74 -31.94 21.38
C ALA E 39 -4.90 -30.93 22.52
N ALA E 40 -3.83 -30.19 22.87
CA ALA E 40 -3.96 -29.20 23.93
C ALA E 40 -4.90 -28.08 23.53
N MET E 41 -4.99 -27.79 22.24
CA MET E 41 -5.87 -26.75 21.73
C MET E 41 -7.35 -27.07 21.90
N ILE E 42 -7.75 -28.30 21.59
CA ILE E 42 -9.16 -28.65 21.45
C ILE E 42 -9.79 -28.75 22.83
N ALA E 43 -10.77 -27.87 23.09
CA ALA E 43 -11.55 -27.96 24.31
C ALA E 43 -13.03 -27.67 24.05
N GLY E 44 -13.43 -27.50 22.80
CA GLY E 44 -14.80 -27.16 22.48
C GLY E 44 -15.20 -25.75 22.86
N GLY E 45 -14.22 -24.90 23.18
CA GLY E 45 -14.47 -23.54 23.59
C GLY E 45 -13.56 -22.56 22.88
N VAL E 46 -12.78 -21.80 23.65
CA VAL E 46 -11.76 -20.93 23.05
C VAL E 46 -10.55 -21.77 22.70
N THR E 47 -10.50 -22.24 21.46
CA THR E 47 -9.45 -23.14 20.98
C THR E 47 -8.30 -22.30 20.46
N THR E 48 -7.22 -22.21 21.24
CA THR E 48 -6.13 -21.30 20.93
C THR E 48 -4.79 -21.97 21.17
N ILE E 49 -3.80 -21.58 20.38
CA ILE E 49 -2.40 -21.66 20.76
C ILE E 49 -2.02 -20.35 21.44
N PRO E 50 -1.62 -20.38 22.70
CA PRO E 50 -1.27 -19.13 23.38
C PRO E 50 0.19 -18.72 23.12
N ALA E 51 0.34 -17.48 22.67
CA ALA E 51 1.64 -16.81 22.60
C ALA E 51 2.75 -17.66 21.99
N ALA E 52 3.61 -18.20 22.86
CA ALA E 52 4.91 -18.72 22.46
C ALA E 52 4.88 -20.13 21.92
N SER E 53 3.72 -20.78 21.84
CA SER E 53 3.65 -22.12 21.26
C SER E 53 3.53 -22.04 19.73
N PHE E 54 4.36 -21.20 19.14
CA PHE E 54 4.49 -21.02 17.71
C PHE E 54 5.94 -21.15 17.30
N LEU E 55 6.14 -21.49 16.04
CA LEU E 55 7.43 -21.34 15.39
C LEU E 55 7.53 -19.90 14.88
N ASP E 56 8.54 -19.59 14.07
CA ASP E 56 8.66 -18.24 13.52
C ASP E 56 9.33 -18.36 12.15
N ASP E 57 9.86 -17.24 11.66
CA ASP E 57 10.26 -17.15 10.26
C ASP E 57 11.26 -18.23 9.88
N ALA E 58 12.38 -18.33 10.60
CA ALA E 58 13.29 -19.45 10.36
C ALA E 58 13.13 -20.57 11.37
N ASP E 59 13.60 -20.38 12.61
CA ASP E 59 13.48 -21.38 13.66
C ASP E 59 13.07 -20.77 15.00
N ALA E 60 13.51 -19.54 15.27
CA ALA E 60 13.51 -19.00 16.63
C ALA E 60 12.09 -18.77 17.13
N PRO E 61 11.69 -19.42 18.22
CA PRO E 61 10.29 -19.30 18.66
C PRO E 61 9.90 -17.88 19.01
N VAL E 62 8.63 -17.58 18.78
CA VAL E 62 8.09 -16.23 18.95
C VAL E 62 7.49 -16.13 20.36
N ALA E 63 7.27 -14.89 20.80
CA ALA E 63 6.72 -14.62 22.11
C ALA E 63 5.29 -14.11 22.05
N ALA E 64 5.03 -13.03 21.29
CA ALA E 64 3.70 -12.48 21.21
C ALA E 64 3.26 -12.31 19.76
N LEU E 65 2.07 -11.76 19.53
CA LEU E 65 1.54 -11.61 18.20
C LEU E 65 1.27 -10.15 17.87
N PRO E 66 1.73 -9.67 16.70
CA PRO E 66 1.49 -8.28 16.33
C PRO E 66 0.06 -8.04 15.87
N VAL E 67 -0.82 -7.76 16.82
CA VAL E 67 -2.25 -7.51 16.58
C VAL E 67 -2.42 -6.60 15.36
N PRO E 68 -3.26 -6.97 14.40
CA PRO E 68 -3.44 -6.14 13.20
C PRO E 68 -4.08 -4.80 13.55
N ALA E 69 -3.33 -3.73 13.33
CA ALA E 69 -3.82 -2.38 13.55
C ALA E 69 -4.67 -1.95 12.36
N ALA E 70 -4.94 -0.65 12.26
CA ALA E 70 -5.75 -0.10 11.17
C ALA E 70 -4.94 0.15 9.90
N ASN E 71 -3.72 -0.38 9.82
CA ASN E 71 -2.91 -0.24 8.62
C ASN E 71 -2.29 -1.57 8.21
N GLY E 72 -3.03 -2.66 8.37
CA GLY E 72 -2.51 -3.97 8.02
C GLY E 72 -3.64 -4.98 7.96
N TYR E 73 -3.28 -6.18 7.50
CA TYR E 73 -4.23 -7.27 7.35
C TYR E 73 -3.58 -8.57 7.78
N TYR E 74 -4.42 -9.54 8.16
CA TYR E 74 -3.97 -10.85 8.58
C TYR E 74 -4.94 -11.91 8.07
N ASN E 75 -4.41 -13.08 7.74
CA ASN E 75 -5.21 -14.19 7.25
C ASN E 75 -4.92 -15.44 8.07
N VAL E 76 -5.95 -16.25 8.28
CA VAL E 76 -5.83 -17.49 9.05
C VAL E 76 -5.84 -18.65 8.08
N TYR E 77 -4.75 -19.41 8.06
CA TYR E 77 -4.61 -20.57 7.18
C TYR E 77 -4.79 -21.85 7.99
N ILE E 78 -5.79 -22.63 7.64
CA ILE E 78 -6.05 -23.91 8.28
C ILE E 78 -5.91 -24.99 7.21
N ASN E 79 -4.86 -25.80 7.32
CA ASN E 79 -4.55 -26.86 6.36
C ASN E 79 -4.38 -26.33 4.95
N GLY E 80 -3.92 -25.08 4.81
CA GLY E 80 -3.76 -24.47 3.51
C GLY E 80 -5.01 -23.85 2.94
N ILE E 81 -6.14 -23.94 3.62
CA ILE E 81 -7.40 -23.36 3.18
C ILE E 81 -7.62 -22.09 4.00
N LEU E 82 -7.86 -20.98 3.32
CA LEU E 82 -8.13 -19.73 4.03
C LEU E 82 -9.42 -19.85 4.82
N GLN E 83 -9.53 -19.05 5.88
CA GLN E 83 -10.76 -18.91 6.63
C GLN E 83 -11.02 -17.44 6.90
N GLN E 84 -12.29 -17.07 6.94
CA GLN E 84 -12.69 -15.68 7.03
C GLN E 84 -12.66 -15.22 8.49
N GLY E 85 -13.26 -14.06 8.76
CA GLY E 85 -13.24 -13.51 10.10
C GLY E 85 -14.01 -14.35 11.10
N GLY E 86 -14.78 -15.32 10.63
CA GLY E 86 -15.53 -16.17 11.55
C GLY E 86 -14.63 -16.91 12.52
N LEU E 87 -13.46 -17.34 12.03
CA LEU E 87 -12.48 -18.03 12.86
C LEU E 87 -11.18 -17.25 13.00
N SER E 88 -11.26 -15.92 13.12
CA SER E 88 -10.06 -15.10 13.28
C SER E 88 -10.37 -13.96 14.24
N THR E 89 -9.90 -14.09 15.47
CA THR E 89 -9.99 -13.02 16.47
C THR E 89 -8.63 -12.88 17.15
N LEU E 90 -7.58 -12.80 16.33
CA LEU E 90 -6.21 -12.84 16.82
C LEU E 90 -5.92 -11.66 17.74
N THR E 91 -5.52 -11.97 18.96
CA THR E 91 -5.06 -10.97 19.92
C THR E 91 -3.55 -11.12 20.10
N ALA E 92 -2.98 -10.33 21.02
CA ALA E 92 -1.56 -10.43 21.31
C ALA E 92 -1.20 -11.73 22.01
N VAL E 93 -2.19 -12.47 22.48
CA VAL E 93 -1.97 -13.70 23.22
C VAL E 93 -2.12 -14.93 22.33
N SER E 94 -3.17 -14.98 21.53
CA SER E 94 -3.50 -16.21 20.82
C SER E 94 -4.42 -15.88 19.65
N LEU E 95 -4.87 -16.92 18.96
CA LEU E 95 -5.81 -16.81 17.86
C LEU E 95 -7.12 -17.44 18.29
N ALA E 96 -8.12 -16.61 18.60
CA ALA E 96 -9.40 -17.07 19.14
C ALA E 96 -10.24 -17.66 17.99
N LEU E 97 -10.02 -18.96 17.76
CA LEU E 97 -10.84 -19.67 16.79
C LEU E 97 -12.24 -19.90 17.34
N ALA E 98 -13.16 -20.25 16.44
CA ALA E 98 -14.56 -20.39 16.82
C ALA E 98 -14.74 -21.44 17.90
N SER E 99 -14.43 -22.69 17.58
CA SER E 99 -14.63 -23.79 18.52
C SER E 99 -13.71 -24.93 18.14
N GLY E 100 -13.59 -25.88 19.06
CA GLY E 100 -12.70 -27.01 18.86
C GLY E 100 -13.31 -28.16 18.10
N ASP E 101 -13.06 -28.20 16.78
CA ASP E 101 -13.41 -29.38 15.98
C ASP E 101 -12.40 -29.51 14.84
N PHE E 102 -11.28 -30.17 15.14
CA PHE E 102 -10.11 -30.20 14.26
C PHE E 102 -9.58 -31.63 14.24
N VAL E 103 -8.35 -31.79 13.77
CA VAL E 103 -7.66 -33.07 13.78
C VAL E 103 -6.31 -32.88 14.47
N GLU E 104 -5.52 -33.94 14.49
CA GLU E 104 -4.32 -33.96 15.33
C GLU E 104 -3.25 -33.02 14.83
N GLY E 105 -3.03 -32.96 13.51
CA GLY E 105 -1.86 -32.29 12.99
C GLY E 105 -2.08 -31.31 11.86
N THR E 106 -3.14 -30.51 11.95
CA THR E 106 -3.44 -29.57 10.88
C THR E 106 -2.28 -28.60 10.69
N PRO E 107 -1.70 -28.51 9.50
CA PRO E 107 -0.66 -27.50 9.27
C PRO E 107 -1.25 -26.10 9.22
N VAL E 108 -1.03 -25.32 10.27
CA VAL E 108 -1.63 -24.01 10.44
C VAL E 108 -0.53 -22.98 10.54
N LEU E 109 -0.70 -21.86 9.83
CA LEU E 109 0.23 -20.74 9.96
C LEU E 109 -0.50 -19.44 9.63
N LEU E 110 0.05 -18.35 10.13
CA LEU E 110 -0.57 -17.03 10.06
C LEU E 110 0.30 -16.10 9.24
N GLU E 111 -0.34 -15.27 8.42
CA GLU E 111 0.34 -14.18 7.72
C GLU E 111 -0.14 -12.86 8.29
N VAL E 112 0.79 -11.97 8.60
CA VAL E 112 0.48 -10.66 9.14
C VAL E 112 1.21 -9.62 8.31
N GLY E 113 0.47 -8.64 7.79
CA GLY E 113 1.05 -7.63 6.95
C GLY E 113 0.92 -6.23 7.51
N THR E 114 1.88 -5.37 7.19
CA THR E 114 1.86 -3.98 7.62
C THR E 114 2.24 -3.11 6.42
N PHE E 115 1.95 -1.81 6.54
CA PHE E 115 2.24 -0.88 5.47
C PHE E 115 2.66 0.47 6.05
N GLY E 116 3.62 1.08 5.40
CA GLY E 116 4.08 2.41 5.79
C GLY E 116 4.50 3.19 4.56
N GLY E 117 4.26 4.49 4.61
CA GLY E 117 4.52 5.35 3.46
C GLY E 117 5.29 6.59 3.85
N ASP E 118 6.19 7.00 2.96
CA ASP E 118 7.00 8.20 3.15
C ASP E 118 6.94 9.04 1.88
N SER E 119 6.91 10.36 2.05
CA SER E 119 6.82 11.26 0.91
C SER E 119 7.57 12.54 1.22
N THR E 120 8.07 13.19 0.16
CA THR E 120 8.82 14.42 0.29
C THR E 120 8.38 15.39 -0.80
N LEU E 121 8.64 16.67 -0.55
CA LEU E 121 8.37 17.72 -1.52
C LEU E 121 9.65 17.98 -2.31
N THR E 122 9.58 17.82 -3.63
CA THR E 122 10.75 17.93 -4.48
C THR E 122 10.86 19.30 -5.14
N THR E 123 9.85 19.70 -5.90
CA THR E 123 9.85 21.01 -6.57
C THR E 123 9.03 21.97 -5.72
N GLN E 124 9.73 22.86 -5.02
CA GLN E 124 9.05 23.79 -4.14
C GLN E 124 8.21 24.78 -4.94
N PRO E 125 6.97 25.03 -4.54
CA PRO E 125 6.10 25.90 -5.34
C PRO E 125 6.64 27.32 -5.47
N THR E 126 6.36 27.92 -6.62
CA THR E 126 6.79 29.28 -6.91
C THR E 126 5.77 30.28 -6.40
N ILE E 127 6.27 31.43 -5.93
CA ILE E 127 5.44 32.47 -5.35
C ILE E 127 5.47 33.68 -6.27
N SER E 128 4.28 34.21 -6.58
CA SER E 128 4.18 35.40 -7.41
C SER E 128 4.66 36.63 -6.63
N ALA E 129 4.88 37.72 -7.37
CA ALA E 129 5.36 38.92 -6.71
C ALA E 129 4.21 39.81 -6.26
N PRO E 130 4.35 40.48 -5.12
CA PRO E 130 3.28 41.35 -4.63
C PRO E 130 3.25 42.67 -5.40
N THR E 131 2.25 43.48 -5.06
CA THR E 131 2.09 44.82 -5.62
C THR E 131 2.18 45.83 -4.49
N ILE E 132 2.92 46.91 -4.73
CA ILE E 132 3.14 47.96 -3.74
C ILE E 132 2.52 49.25 -4.24
N THR E 133 1.68 49.87 -3.42
CA THR E 133 1.04 51.13 -3.74
C THR E 133 1.56 52.21 -2.80
N ILE E 134 2.03 53.31 -3.38
CA ILE E 134 2.61 54.40 -2.61
C ILE E 134 1.51 55.38 -2.23
N ILE E 135 1.38 55.64 -0.93
CA ILE E 135 0.43 56.61 -0.42
C ILE E 135 1.19 57.85 0.03
N SER E 136 0.85 58.99 -0.55
CA SER E 136 1.52 60.24 -0.21
C SER E 136 1.05 60.77 1.14
N PRO F 2 40.80 162.28 1.90
CA PRO F 2 39.33 162.17 1.93
C PRO F 2 38.78 161.52 0.67
N VAL F 3 37.87 160.55 0.84
CA VAL F 3 37.28 159.83 -0.28
C VAL F 3 35.78 160.10 -0.34
N ILE F 4 35.11 160.03 0.81
CA ILE F 4 33.70 160.36 0.96
C ILE F 4 32.83 159.37 0.18
N LYS F 5 32.28 158.39 0.88
CA LYS F 5 31.36 157.43 0.26
C LYS F 5 30.12 157.29 1.12
N PRO F 6 28.96 157.07 0.50
CA PRO F 6 27.74 156.87 1.28
C PRO F 6 27.79 155.58 2.07
N VAL F 7 27.12 155.58 3.21
CA VAL F 7 27.08 154.42 4.10
C VAL F 7 25.72 153.76 3.93
N ILE F 8 25.70 152.60 3.28
CA ILE F 8 24.49 151.82 3.05
C ILE F 8 24.79 150.37 3.33
N VAL F 9 23.90 149.71 4.08
CA VAL F 9 24.00 148.28 4.33
C VAL F 9 22.64 147.66 4.09
N ALA F 10 22.64 146.36 3.79
CA ALA F 10 21.42 145.62 3.51
C ALA F 10 21.54 144.21 4.03
N VAL F 11 20.39 143.60 4.31
CA VAL F 11 20.33 142.24 4.83
C VAL F 11 19.38 141.43 3.96
N SER F 12 19.56 140.11 4.01
CA SER F 12 18.77 139.18 3.22
C SER F 12 18.16 138.13 4.12
N SER F 13 16.94 137.73 3.81
CA SER F 13 16.25 136.69 4.56
C SER F 13 16.75 135.31 4.10
N ALA F 14 16.09 134.25 4.56
CA ALA F 14 16.46 132.91 4.14
C ALA F 14 15.39 132.31 3.25
N PRO F 15 15.76 131.78 2.09
CA PRO F 15 14.76 131.21 1.18
C PRO F 15 14.20 129.89 1.70
N VAL F 16 13.26 129.30 0.97
CA VAL F 16 12.64 128.04 1.37
C VAL F 16 12.64 127.10 0.18
N SER F 17 12.66 125.81 0.48
CA SER F 17 12.62 124.76 -0.54
C SER F 17 11.19 124.30 -0.78
N THR F 18 10.96 123.73 -1.96
CA THR F 18 9.62 123.30 -2.38
C THR F 18 9.70 121.90 -2.99
N GLY F 19 9.56 120.88 -2.16
CA GLY F 19 9.37 119.52 -2.62
C GLY F 19 10.54 118.93 -3.38
N GLY F 20 10.25 117.82 -4.04
CA GLY F 20 11.24 117.09 -4.81
C GLY F 20 10.77 115.68 -5.09
N VAL F 21 11.45 115.04 -6.05
CA VAL F 21 11.10 113.70 -6.49
C VAL F 21 12.37 112.85 -6.50
N ILE F 22 12.28 111.65 -5.95
CA ILE F 22 13.38 110.70 -5.92
C ILE F 22 12.88 109.34 -6.39
N ALA F 23 13.71 108.65 -7.17
CA ALA F 23 13.38 107.33 -7.67
C ALA F 23 14.33 106.30 -7.07
N THR F 24 13.80 105.10 -6.81
CA THR F 24 14.53 104.06 -6.12
C THR F 24 14.52 102.77 -6.93
N THR F 25 15.57 101.97 -6.74
CA THR F 25 15.69 100.67 -7.38
C THR F 25 16.12 99.65 -6.33
N VAL F 26 15.67 98.41 -6.49
CA VAL F 26 15.98 97.33 -5.57
C VAL F 26 16.59 96.19 -6.38
N SER F 27 17.75 95.69 -5.92
CA SER F 27 18.46 94.63 -6.61
C SER F 27 18.54 93.39 -5.74
N PRO F 28 17.68 92.39 -5.95
CA PRO F 28 17.79 91.14 -5.19
C PRO F 28 18.73 90.14 -5.85
N THR F 29 19.35 89.32 -5.01
CA THR F 29 20.26 88.28 -5.48
C THR F 29 20.04 87.03 -4.66
N VAL F 30 19.94 85.88 -5.34
CA VAL F 30 19.71 84.60 -4.70
C VAL F 30 20.83 83.64 -5.10
N ALA F 31 21.55 83.13 -4.11
CA ALA F 31 22.63 82.18 -4.33
C ALA F 31 22.21 80.80 -3.85
N ARG F 32 22.53 79.79 -4.64
CA ARG F 32 22.09 78.42 -4.37
C ARG F 32 23.32 77.54 -4.18
N PHE F 33 23.34 76.80 -3.07
CA PHE F 33 24.42 75.88 -2.75
C PHE F 33 23.84 74.50 -2.47
N TYR F 34 24.53 73.48 -2.97
CA TYR F 34 24.08 72.10 -2.86
C TYR F 34 24.91 71.33 -1.85
N ALA F 35 24.29 70.35 -1.22
CA ALA F 35 24.95 69.50 -0.24
C ALA F 35 24.62 68.05 -0.55
N ALA F 36 25.55 67.16 -0.20
CA ALA F 36 25.41 65.72 -0.39
C ALA F 36 25.84 64.99 0.88
N ILE F 37 25.30 65.43 2.01
CA ILE F 37 25.65 64.92 3.34
C ILE F 37 25.61 63.39 3.37
N THR F 38 26.61 62.78 4.01
CA THR F 38 26.72 61.34 4.13
C THR F 38 27.07 60.96 5.57
N ALA F 39 27.29 59.67 5.80
CA ALA F 39 27.67 59.13 7.10
C ALA F 39 29.16 59.27 7.38
N ALA F 40 29.95 59.74 6.41
CA ALA F 40 31.37 59.96 6.65
C ALA F 40 31.62 61.09 7.63
N MET F 41 30.60 61.86 7.96
CA MET F 41 30.74 63.00 8.87
C MET F 41 29.91 62.88 10.14
N ILE F 42 28.73 62.26 10.07
CA ILE F 42 27.68 62.41 11.08
C ILE F 42 28.20 62.09 12.48
N ALA F 43 28.01 63.04 13.40
CA ALA F 43 28.45 62.94 14.78
C ALA F 43 27.26 63.14 15.71
N GLY F 44 27.55 63.28 17.01
CA GLY F 44 26.48 63.36 17.99
C GLY F 44 25.69 64.64 17.90
N GLY F 45 26.37 65.78 17.95
CA GLY F 45 25.68 67.06 17.97
C GLY F 45 26.37 68.17 17.21
N VAL F 46 27.39 67.82 16.42
CA VAL F 46 28.17 68.83 15.71
C VAL F 46 28.13 68.58 14.22
N THR F 47 27.03 68.01 13.72
CA THR F 47 26.91 67.76 12.29
C THR F 47 26.99 69.06 11.52
N THR F 48 28.11 69.27 10.83
CA THR F 48 28.36 70.54 10.14
C THR F 48 29.12 70.21 8.87
N ILE F 49 28.45 70.31 7.72
CA ILE F 49 29.08 70.00 6.45
C ILE F 49 30.21 71.00 6.22
N PRO F 50 31.45 70.56 6.08
CA PRO F 50 32.59 71.50 6.10
C PRO F 50 32.73 72.23 4.77
N ALA F 51 32.41 73.53 4.79
CA ALA F 51 32.73 74.50 3.74
C ALA F 51 32.76 73.91 2.35
N ALA F 52 33.91 73.33 1.97
CA ALA F 52 34.14 72.85 0.62
C ALA F 52 33.37 71.57 0.31
N SER F 53 32.69 70.98 1.29
CA SER F 53 31.90 69.79 1.02
C SER F 53 30.55 70.16 0.44
N PHE F 54 30.58 71.04 -0.56
CA PHE F 54 29.41 71.51 -1.31
C PHE F 54 29.74 71.51 -2.79
N LEU F 55 28.73 71.80 -3.60
CA LEU F 55 28.92 72.20 -4.98
C LEU F 55 27.97 73.35 -5.27
N ASP F 56 28.37 74.21 -6.20
CA ASP F 56 27.66 75.47 -6.42
C ASP F 56 27.13 75.55 -7.83
N ASP F 57 25.92 76.10 -7.96
CA ASP F 57 25.26 76.30 -9.24
C ASP F 57 25.25 75.03 -10.08
N ALA F 58 25.93 75.07 -11.23
CA ALA F 58 25.88 73.92 -12.13
C ALA F 58 26.78 72.79 -11.63
N ASP F 59 28.09 73.04 -11.59
CA ASP F 59 29.06 72.02 -11.18
C ASP F 59 30.16 72.53 -10.26
N ALA F 60 30.48 73.82 -10.26
CA ALA F 60 31.69 74.29 -9.60
C ALA F 60 31.59 74.14 -8.09
N PRO F 61 32.54 73.46 -7.44
CA PRO F 61 32.55 73.42 -5.98
C PRO F 61 32.82 74.79 -5.39
N VAL F 62 32.35 74.99 -4.17
CA VAL F 62 32.48 76.25 -3.48
C VAL F 62 33.45 76.07 -2.31
N ALA F 63 34.07 77.17 -1.89
CA ALA F 63 35.07 77.17 -0.85
C ALA F 63 34.52 77.55 0.52
N ALA F 64 33.80 78.67 0.62
CA ALA F 64 33.24 79.12 1.88
C ALA F 64 31.78 79.49 1.68
N LEU F 65 31.13 79.94 2.75
CA LEU F 65 29.72 80.26 2.70
C LEU F 65 29.49 81.74 2.98
N PRO F 66 28.64 82.41 2.21
CA PRO F 66 28.35 83.83 2.46
C PRO F 66 27.42 84.02 3.65
N VAL F 67 28.00 84.08 4.85
CA VAL F 67 27.27 84.26 6.11
C VAL F 67 26.19 85.32 5.95
N PRO F 68 24.96 85.03 6.36
CA PRO F 68 23.87 86.01 6.17
C PRO F 68 24.11 87.27 7.00
N ALA F 69 24.16 88.40 6.33
CA ALA F 69 24.32 89.69 6.98
C ALA F 69 22.94 90.21 7.37
N ALA F 70 22.87 91.48 7.76
CA ALA F 70 21.61 92.09 8.19
C ALA F 70 20.73 92.49 7.01
N ASN F 71 21.20 92.36 5.77
CA ASN F 71 20.44 92.71 4.59
C ASN F 71 20.18 91.49 3.72
N GLY F 72 19.88 90.36 4.35
CA GLY F 72 19.63 89.14 3.61
C GLY F 72 19.02 88.08 4.52
N TYR F 73 18.74 86.93 3.92
CA TYR F 73 18.16 85.81 4.64
C TYR F 73 18.65 84.51 4.03
N TYR F 74 18.59 83.45 4.82
CA TYR F 74 19.00 82.13 4.36
C TYR F 74 17.97 81.11 4.83
N ASN F 75 17.67 80.14 3.97
CA ASN F 75 16.75 79.06 4.29
C ASN F 75 17.44 77.73 4.11
N VAL F 76 17.11 76.77 4.97
CA VAL F 76 17.80 75.49 5.03
C VAL F 76 16.80 74.39 4.70
N TYR F 77 17.08 73.65 3.63
CA TYR F 77 16.22 72.58 3.16
C TYR F 77 16.88 71.24 3.49
N ILE F 78 16.16 70.39 4.22
CA ILE F 78 16.59 69.03 4.51
C ILE F 78 15.56 68.08 3.94
N ASN F 79 15.95 67.33 2.91
CA ASN F 79 15.05 66.43 2.21
C ASN F 79 13.83 67.17 1.66
N GLY F 80 14.06 68.41 1.24
CA GLY F 80 13.02 69.26 0.66
C GLY F 80 12.19 70.05 1.65
N ILE F 81 12.02 69.52 2.87
CA ILE F 81 11.24 70.23 3.87
C ILE F 81 12.01 71.43 4.38
N LEU F 82 11.34 72.58 4.44
CA LEU F 82 11.97 73.84 4.82
C LEU F 82 12.04 73.91 6.34
N GLN F 83 13.16 73.46 6.90
CA GLN F 83 13.33 73.45 8.35
C GLN F 83 13.47 74.89 8.86
N GLN F 84 13.38 75.04 10.17
CA GLN F 84 13.42 76.33 10.83
C GLN F 84 14.86 76.65 11.26
N GLY F 85 15.02 77.82 11.89
CA GLY F 85 16.34 78.24 12.31
C GLY F 85 16.84 77.47 13.52
N GLY F 86 15.94 76.73 14.18
CA GLY F 86 16.34 75.96 15.34
C GLY F 86 17.41 74.93 15.03
N LEU F 87 17.33 74.30 13.86
CA LEU F 87 18.30 73.31 13.43
C LEU F 87 19.44 73.94 12.63
N SER F 88 19.40 75.24 12.37
CA SER F 88 20.33 75.90 11.46
C SER F 88 21.11 76.98 12.20
N THR F 89 22.44 76.86 12.19
CA THR F 89 23.33 77.94 12.59
C THR F 89 24.46 78.01 11.58
N LEU F 90 24.44 79.04 10.73
CA LEU F 90 25.31 79.11 9.55
C LEU F 90 26.42 80.13 9.80
N THR F 91 27.66 79.69 9.62
CA THR F 91 28.83 80.54 9.72
C THR F 91 29.74 80.30 8.51
N ALA F 92 30.92 80.91 8.55
CA ALA F 92 31.84 80.85 7.41
C ALA F 92 32.33 79.44 7.14
N VAL F 93 32.64 78.67 8.19
CA VAL F 93 33.19 77.33 7.99
C VAL F 93 32.12 76.33 7.60
N SER F 94 30.96 76.37 8.25
CA SER F 94 29.94 75.36 7.97
C SER F 94 28.60 75.82 8.53
N LEU F 95 27.64 74.90 8.53
CA LEU F 95 26.30 75.11 9.06
C LEU F 95 26.06 74.12 10.20
N ALA F 96 25.69 74.63 11.37
CA ALA F 96 25.48 73.80 12.55
C ALA F 96 24.10 73.17 12.46
N LEU F 97 24.08 71.88 12.15
CA LEU F 97 22.83 71.14 11.97
C LEU F 97 22.37 70.56 13.31
N ALA F 98 22.01 71.47 14.22
CA ALA F 98 21.52 71.14 15.55
C ALA F 98 22.31 69.99 16.19
N SER F 99 21.77 68.77 16.09
CA SER F 99 22.42 67.59 16.60
C SER F 99 22.42 66.52 15.50
N GLY F 100 23.15 65.44 15.75
CA GLY F 100 23.25 64.38 14.76
C GLY F 100 22.16 63.35 14.87
N ASP F 101 21.11 63.51 14.07
CA ASP F 101 20.03 62.52 13.97
C ASP F 101 19.51 62.55 12.53
N PHE F 102 20.09 61.70 11.70
CA PHE F 102 19.83 61.70 10.26
C PHE F 102 19.76 60.26 9.77
N VAL F 103 19.82 60.11 8.45
CA VAL F 103 19.76 58.81 7.79
C VAL F 103 20.85 58.77 6.72
N GLU F 104 20.84 57.71 5.91
CA GLU F 104 21.74 57.60 4.76
C GLU F 104 21.59 58.84 3.89
N GLY F 105 22.61 59.12 3.05
CA GLY F 105 22.74 60.39 2.36
C GLY F 105 21.47 61.03 1.84
N THR F 106 21.18 62.23 2.33
CA THR F 106 19.93 62.92 2.11
C THR F 106 20.15 64.17 1.27
N PRO F 107 19.32 64.42 0.26
CA PRO F 107 19.49 65.65 -0.54
C PRO F 107 19.17 66.90 0.26
N VAL F 108 20.20 67.70 0.51
CA VAL F 108 20.09 68.93 1.28
C VAL F 108 20.71 70.05 0.47
N LEU F 109 20.09 71.23 0.50
CA LEU F 109 20.69 72.38 -0.17
C LEU F 109 20.29 73.66 0.54
N LEU F 110 21.08 74.71 0.31
CA LEU F 110 20.94 75.98 0.99
C LEU F 110 20.66 77.08 -0.03
N GLU F 111 19.76 78.00 0.34
CA GLU F 111 19.53 79.20 -0.42
C GLU F 111 19.91 80.41 0.43
N VAL F 112 20.68 81.33 -0.15
CA VAL F 112 21.12 82.53 0.53
C VAL F 112 20.78 83.72 -0.34
N GLY F 113 20.12 84.72 0.23
CA GLY F 113 19.68 85.87 -0.51
C GLY F 113 20.32 87.14 0.02
N THR F 114 20.44 88.12 -0.87
CA THR F 114 20.98 89.43 -0.54
C THR F 114 20.15 90.49 -1.23
N PHE F 115 20.25 91.72 -0.73
CA PHE F 115 19.42 92.80 -1.24
C PHE F 115 20.22 94.10 -1.23
N GLY F 116 20.10 94.86 -2.30
CA GLY F 116 20.75 96.15 -2.39
C GLY F 116 19.88 97.14 -3.13
N GLY F 117 19.99 98.41 -2.76
CA GLY F 117 19.14 99.42 -3.33
C GLY F 117 19.86 100.70 -3.73
N ASP F 118 19.55 101.22 -4.91
CA ASP F 118 20.14 102.45 -5.41
C ASP F 118 19.04 103.46 -5.70
N SER F 119 19.35 104.73 -5.45
CA SER F 119 18.37 105.80 -5.65
C SER F 119 19.08 107.07 -6.10
N THR F 120 18.36 107.90 -6.84
CA THR F 120 18.90 109.15 -7.37
C THR F 120 17.87 110.25 -7.22
N LEU F 121 18.37 111.49 -7.21
CA LEU F 121 17.52 112.68 -7.15
C LEU F 121 17.16 113.06 -8.58
N THR F 122 15.93 112.76 -8.99
CA THR F 122 15.51 113.06 -10.35
C THR F 122 15.28 114.55 -10.55
N THR F 123 14.33 115.11 -9.81
CA THR F 123 14.00 116.53 -9.91
C THR F 123 14.58 117.28 -8.72
N GLN F 124 15.19 118.40 -8.99
CA GLN F 124 15.78 119.10 -7.86
C GLN F 124 14.79 120.10 -7.29
N PRO F 125 14.87 120.36 -5.97
CA PRO F 125 13.91 121.27 -5.34
C PRO F 125 14.03 122.68 -5.90
N THR F 126 12.91 123.38 -5.92
CA THR F 126 12.86 124.78 -6.35
C THR F 126 12.99 125.68 -5.14
N ILE F 127 13.84 126.70 -5.25
CA ILE F 127 14.18 127.59 -4.15
C ILE F 127 13.45 128.90 -4.34
N SER F 128 12.79 129.38 -3.27
CA SER F 128 12.09 130.65 -3.32
C SER F 128 13.09 131.81 -3.35
N ALA F 129 12.60 132.99 -3.73
CA ALA F 129 13.51 134.12 -3.83
C ALA F 129 13.61 134.84 -2.48
N PRO F 130 14.81 135.30 -2.12
CA PRO F 130 14.97 136.01 -0.86
C PRO F 130 14.36 137.40 -0.92
N THR F 131 14.35 138.06 0.24
CA THR F 131 13.87 139.42 0.38
C THR F 131 15.03 140.32 0.77
N ILE F 132 15.14 141.48 0.11
CA ILE F 132 16.23 142.41 0.32
C ILE F 132 15.65 143.72 0.85
N THR F 133 16.19 144.19 1.97
CA THR F 133 15.78 145.45 2.58
C THR F 133 17.01 146.31 2.80
N ILE F 134 16.89 147.60 2.50
CA ILE F 134 18.02 148.52 2.67
C ILE F 134 18.06 149.02 4.11
N ILE F 135 19.24 149.46 4.53
CA ILE F 135 19.42 150.16 5.80
C ILE F 135 20.27 151.38 5.50
N SER F 136 19.62 152.52 5.29
CA SER F 136 20.32 153.76 4.96
C SER F 136 20.78 154.47 6.23
N PRO G 2 12.38 -25.76 7.77
CA PRO G 2 11.01 -26.07 8.23
C PRO G 2 10.11 -26.53 7.10
N VAL G 3 10.04 -27.85 6.89
CA VAL G 3 9.21 -28.42 5.84
C VAL G 3 7.81 -28.67 6.40
N ILE G 4 6.80 -28.18 5.69
CA ILE G 4 5.41 -28.31 6.10
C ILE G 4 4.66 -29.10 5.05
N LYS G 5 4.06 -30.21 5.48
CA LYS G 5 3.29 -31.10 4.63
C LYS G 5 1.86 -31.20 5.14
N PRO G 6 0.89 -31.38 4.25
CA PRO G 6 -0.47 -31.64 4.71
C PRO G 6 -0.56 -32.98 5.43
N VAL G 7 -1.46 -33.06 6.40
CA VAL G 7 -1.64 -34.26 7.20
C VAL G 7 -3.03 -34.80 6.91
N ILE G 8 -3.09 -35.86 6.11
CA ILE G 8 -4.34 -36.53 5.75
C ILE G 8 -4.18 -38.00 6.10
N VAL G 9 -5.21 -38.58 6.72
CA VAL G 9 -5.20 -39.99 7.10
C VAL G 9 -6.43 -40.67 6.51
N ALA G 10 -6.32 -41.99 6.36
CA ALA G 10 -7.40 -42.78 5.77
C ALA G 10 -7.42 -44.16 6.40
N VAL G 11 -8.59 -44.80 6.34
CA VAL G 11 -8.78 -46.13 6.89
C VAL G 11 -9.37 -47.03 5.81
N SER G 12 -9.22 -48.34 6.00
CA SER G 12 -9.66 -49.33 5.04
C SER G 12 -10.58 -50.34 5.71
N SER G 13 -11.64 -50.72 5.01
CA SER G 13 -12.57 -51.72 5.51
C SER G 13 -12.04 -53.13 5.22
N ALA G 14 -12.64 -54.10 5.91
CA ALA G 14 -12.26 -55.49 5.73
C ALA G 14 -13.08 -56.12 4.61
N PRO G 15 -12.47 -56.65 3.57
CA PRO G 15 -13.23 -57.25 2.47
C PRO G 15 -13.87 -58.57 2.88
N VAL G 16 -14.59 -59.18 1.93
CA VAL G 16 -15.29 -60.44 2.15
C VAL G 16 -15.03 -61.36 0.96
N SER G 17 -15.25 -62.65 1.19
CA SER G 17 -15.08 -63.67 0.17
C SER G 17 -16.38 -63.88 -0.60
N THR G 18 -16.26 -64.45 -1.79
CA THR G 18 -17.38 -64.54 -2.74
C THR G 18 -17.46 -65.94 -3.35
N GLY G 19 -17.38 -66.96 -2.51
CA GLY G 19 -17.61 -68.33 -2.95
C GLY G 19 -16.35 -69.03 -3.40
N GLY G 20 -16.47 -70.35 -3.56
CA GLY G 20 -15.35 -71.18 -3.98
C GLY G 20 -15.79 -72.61 -4.12
N VAL G 21 -14.85 -73.45 -4.55
CA VAL G 21 -15.14 -74.87 -4.79
C VAL G 21 -13.84 -75.65 -4.65
N ILE G 22 -13.96 -76.92 -4.25
CA ILE G 22 -12.83 -77.82 -4.09
C ILE G 22 -13.17 -79.17 -4.68
N ALA G 23 -12.13 -79.96 -4.96
CA ALA G 23 -12.27 -81.29 -5.52
C ALA G 23 -11.60 -82.32 -4.62
N THR G 24 -12.19 -83.51 -4.56
CA THR G 24 -11.78 -84.53 -3.62
C THR G 24 -11.67 -85.88 -4.32
N THR G 25 -10.61 -86.64 -3.99
CA THR G 25 -10.39 -87.97 -4.51
C THR G 25 -10.16 -88.94 -3.37
N VAL G 26 -10.55 -90.20 -3.57
CA VAL G 26 -10.42 -91.24 -2.57
C VAL G 26 -9.66 -92.41 -3.17
N SER G 27 -8.64 -92.90 -2.46
CA SER G 27 -7.80 -93.99 -2.94
C SER G 27 -7.88 -95.17 -1.97
N PRO G 28 -8.63 -96.22 -2.30
CA PRO G 28 -8.67 -97.41 -1.45
C PRO G 28 -7.56 -98.39 -1.78
N THR G 29 -7.30 -99.28 -0.84
CA THR G 29 -6.29 -100.31 -1.01
C THR G 29 -6.70 -101.55 -0.21
N VAL G 30 -6.65 -102.71 -0.86
CA VAL G 30 -7.06 -103.97 -0.24
C VAL G 30 -5.92 -104.96 -0.38
N ALA G 31 -5.51 -105.56 0.75
CA ALA G 31 -4.43 -106.53 0.78
C ALA G 31 -4.96 -107.88 1.24
N ARG G 32 -4.46 -108.94 0.61
CA ARG G 32 -4.91 -110.30 0.86
C ARG G 32 -3.74 -111.14 1.38
N PHE G 33 -3.98 -111.92 2.42
CA PHE G 33 -2.98 -112.78 3.00
C PHE G 33 -3.56 -114.17 3.23
N TYR G 34 -2.71 -115.19 3.11
CA TYR G 34 -3.12 -116.58 3.13
C TYR G 34 -2.65 -117.27 4.41
N ALA G 35 -3.28 -118.40 4.72
CA ALA G 35 -2.93 -119.17 5.89
C ALA G 35 -3.10 -120.66 5.58
N ALA G 36 -2.36 -121.48 6.31
CA ALA G 36 -2.43 -122.94 6.23
C ALA G 36 -2.45 -123.54 7.62
N ILE G 37 -3.32 -123.01 8.48
CA ILE G 37 -3.42 -123.40 9.88
C ILE G 37 -3.53 -124.91 10.03
N THR G 38 -2.79 -125.46 10.98
CA THR G 38 -2.79 -126.89 11.27
C THR G 38 -2.86 -127.11 12.77
N ALA G 39 -2.79 -128.37 13.17
CA ALA G 39 -2.80 -128.74 14.59
C ALA G 39 -1.42 -128.65 15.22
N ALA G 40 -0.39 -128.30 14.45
CA ALA G 40 0.96 -128.20 15.00
C ALA G 40 1.03 -127.09 16.05
N MET G 41 0.38 -125.96 15.79
CA MET G 41 0.42 -124.82 16.71
C MET G 41 -0.95 -124.56 17.35
N ILE G 42 -1.88 -125.52 17.24
CA ILE G 42 -3.14 -125.39 17.96
C ILE G 42 -2.89 -125.50 19.45
N ALA G 43 -3.70 -124.80 20.24
CA ALA G 43 -3.51 -124.80 21.68
C ALA G 43 -4.83 -125.01 22.42
N GLY G 44 -5.95 -124.74 21.75
CA GLY G 44 -7.23 -124.80 22.41
C GLY G 44 -7.57 -123.49 23.07
N GLY G 45 -8.86 -123.17 23.19
CA GLY G 45 -9.23 -121.87 23.70
C GLY G 45 -8.72 -120.77 22.79
N VAL G 46 -7.99 -119.82 23.37
CA VAL G 46 -7.37 -118.77 22.58
C VAL G 46 -6.24 -119.39 21.76
N THR G 47 -6.35 -119.29 20.43
CA THR G 47 -5.38 -119.87 19.53
C THR G 47 -4.58 -118.79 18.83
N THR G 48 -3.29 -119.04 18.67
CA THR G 48 -2.36 -118.06 18.10
C THR G 48 -1.73 -118.64 16.85
N ILE G 49 -1.72 -117.84 15.78
CA ILE G 49 -1.08 -118.21 14.52
C ILE G 49 -0.03 -117.15 14.23
N PRO G 50 1.26 -117.49 14.20
CA PRO G 50 2.30 -116.46 14.09
C PRO G 50 2.24 -115.74 12.76
N ALA G 51 2.68 -114.48 12.78
CA ALA G 51 2.71 -113.63 11.60
C ALA G 51 3.69 -114.11 10.56
N ALA G 52 4.45 -115.16 10.86
CA ALA G 52 5.37 -115.74 9.90
C ALA G 52 4.82 -116.98 9.21
N SER G 53 3.77 -117.61 9.75
CA SER G 53 3.17 -118.78 9.10
C SER G 53 2.09 -118.37 8.12
N PHE G 54 2.40 -117.39 7.28
CA PHE G 54 1.49 -116.84 6.28
C PHE G 54 2.23 -116.70 4.96
N LEU G 55 1.48 -116.73 3.86
CA LEU G 55 2.00 -116.38 2.56
C LEU G 55 1.10 -115.33 1.92
N ASP G 56 1.69 -114.54 1.01
CA ASP G 56 1.01 -113.34 0.52
C ASP G 56 0.98 -113.34 -1.00
N ASP G 57 -0.18 -112.93 -1.55
CA ASP G 57 -0.39 -112.68 -2.97
C ASP G 57 0.19 -113.79 -3.85
N ALA G 58 1.30 -113.49 -4.53
CA ALA G 58 1.94 -114.45 -5.42
C ALA G 58 2.89 -115.36 -4.65
N ASP G 59 2.33 -115.99 -3.61
CA ASP G 59 3.01 -116.97 -2.77
C ASP G 59 4.19 -116.39 -2.00
N ALA G 60 4.29 -115.07 -1.89
CA ALA G 60 5.39 -114.47 -1.16
C ALA G 60 5.23 -114.72 0.34
N PRO G 61 6.32 -115.00 1.04
CA PRO G 61 6.23 -115.22 2.50
C PRO G 61 5.86 -113.94 3.23
N VAL G 62 5.42 -114.11 4.48
CA VAL G 62 4.90 -113.03 5.29
C VAL G 62 5.71 -112.96 6.59
N ALA G 63 6.09 -111.74 6.97
CA ALA G 63 6.81 -111.49 8.22
C ALA G 63 5.92 -110.96 9.32
N ALA G 64 5.16 -109.89 9.06
CA ALA G 64 4.28 -109.30 10.06
C ALA G 64 3.00 -108.86 9.36
N LEU G 65 2.05 -108.36 10.16
CA LEU G 65 0.76 -107.97 9.64
C LEU G 65 0.48 -106.49 9.89
N PRO G 66 -0.07 -105.77 8.91
CA PRO G 66 -0.39 -104.35 9.11
C PRO G 66 -1.63 -104.15 9.95
N VAL G 67 -1.48 -104.12 11.28
CA VAL G 67 -2.58 -103.93 12.22
C VAL G 67 -3.43 -102.75 11.77
N PRO G 68 -4.74 -102.94 11.61
CA PRO G 68 -5.58 -101.85 11.10
C PRO G 68 -5.71 -100.72 12.10
N ALA G 69 -5.41 -99.51 11.65
CA ALA G 69 -5.62 -98.30 12.43
C ALA G 69 -7.05 -97.79 12.18
N ALA G 70 -7.33 -96.57 12.62
CA ALA G 70 -8.65 -96.00 12.41
C ALA G 70 -8.76 -95.32 11.04
N ASN G 71 -8.34 -96.03 10.00
CA ASN G 71 -8.57 -95.60 8.63
C ASN G 71 -8.82 -96.79 7.71
N GLY G 72 -9.10 -97.97 8.27
CA GLY G 72 -9.29 -99.15 7.46
C GLY G 72 -10.01 -100.22 8.26
N TYR G 73 -10.26 -101.34 7.59
CA TYR G 73 -10.99 -102.45 8.18
C TYR G 73 -10.30 -103.75 7.82
N TYR G 74 -10.46 -104.76 8.67
CA TYR G 74 -9.88 -106.07 8.46
C TYR G 74 -10.96 -107.14 8.63
N ASN G 75 -10.92 -108.15 7.76
CA ASN G 75 -11.85 -109.25 7.81
C ASN G 75 -11.10 -110.55 8.08
N VAL G 76 -11.74 -111.46 8.82
CA VAL G 76 -11.14 -112.73 9.19
C VAL G 76 -12.01 -113.85 8.65
N TYR G 77 -11.44 -114.65 7.76
CA TYR G 77 -12.16 -115.74 7.10
C TYR G 77 -11.70 -117.07 7.65
N ILE G 78 -12.67 -117.91 8.00
CA ILE G 78 -12.41 -119.27 8.47
C ILE G 78 -13.21 -120.21 7.59
N ASN G 79 -12.52 -120.93 6.71
CA ASN G 79 -13.17 -121.80 5.72
C ASN G 79 -14.14 -121.04 4.84
N GLY G 80 -13.86 -119.77 4.59
CA GLY G 80 -14.68 -118.95 3.72
C GLY G 80 -15.93 -118.38 4.33
N ILE G 81 -16.15 -118.56 5.62
CA ILE G 81 -17.30 -118.01 6.31
C ILE G 81 -16.80 -116.97 7.28
N LEU G 82 -17.20 -115.71 7.09
CA LEU G 82 -16.73 -114.64 7.94
C LEU G 82 -17.12 -114.90 9.39
N GLN G 83 -16.19 -114.61 10.30
CA GLN G 83 -16.48 -114.63 11.72
C GLN G 83 -16.28 -113.23 12.29
N GLN G 84 -17.07 -112.89 13.29
CA GLN G 84 -17.13 -111.53 13.79
C GLN G 84 -15.89 -111.23 14.62
N GLY G 85 -15.87 -110.04 15.25
CA GLY G 85 -14.69 -109.64 16.00
C GLY G 85 -14.49 -110.46 17.26
N GLY G 86 -15.51 -111.20 17.68
CA GLY G 86 -15.37 -112.03 18.87
C GLY G 86 -14.29 -113.08 18.71
N LEU G 87 -14.16 -113.65 17.52
CA LEU G 87 -13.13 -114.64 17.23
C LEU G 87 -11.83 -114.00 16.73
N SER G 88 -11.83 -112.69 16.47
CA SER G 88 -10.73 -112.04 15.78
C SER G 88 -10.06 -111.02 16.69
N THR G 89 -8.74 -111.09 16.78
CA THR G 89 -7.94 -110.04 17.41
C THR G 89 -6.55 -110.10 16.80
N LEU G 90 -6.27 -109.17 15.88
CA LEU G 90 -5.09 -109.23 15.03
C LEU G 90 -4.05 -108.24 15.55
N THR G 91 -2.95 -108.76 16.07
CA THR G 91 -1.79 -107.94 16.41
C THR G 91 -0.79 -108.00 15.25
N ALA G 92 0.40 -107.44 15.46
CA ALA G 92 1.43 -107.45 14.43
C ALA G 92 2.25 -108.74 14.43
N VAL G 93 1.96 -109.66 15.34
CA VAL G 93 2.77 -110.87 15.49
C VAL G 93 1.92 -112.11 15.24
N SER G 94 0.61 -111.99 15.39
CA SER G 94 -0.27 -113.15 15.29
C SER G 94 -1.72 -112.67 15.22
N LEU G 95 -2.62 -113.63 15.12
CA LEU G 95 -4.06 -113.39 15.19
C LEU G 95 -4.63 -114.21 16.33
N ALA G 96 -5.25 -113.52 17.30
CA ALA G 96 -5.78 -114.18 18.49
C ALA G 96 -7.10 -114.84 18.12
N LEU G 97 -7.04 -116.16 17.91
CA LEU G 97 -8.23 -116.94 17.55
C LEU G 97 -8.93 -117.37 18.83
N ALA G 98 -10.11 -116.80 19.06
CA ALA G 98 -10.86 -117.11 20.28
C ALA G 98 -11.24 -118.59 20.33
N SER G 99 -11.66 -119.15 19.20
CA SER G 99 -12.04 -120.55 19.16
C SER G 99 -10.80 -121.45 19.23
N GLY G 100 -10.93 -122.57 19.92
CA GLY G 100 -9.86 -123.52 20.08
C GLY G 100 -10.06 -124.86 19.41
N ASP G 101 -11.12 -125.03 18.62
CA ASP G 101 -11.40 -126.30 17.96
C ASP G 101 -11.53 -126.08 16.46
N PHE G 102 -10.51 -126.51 15.72
CA PHE G 102 -10.46 -126.36 14.27
C PHE G 102 -10.27 -127.74 13.66
N VAL G 103 -9.96 -127.78 12.37
CA VAL G 103 -9.78 -129.02 11.63
C VAL G 103 -8.36 -129.03 11.07
N GLU G 104 -8.05 -130.10 10.34
CA GLU G 104 -6.69 -130.35 9.85
C GLU G 104 -6.42 -129.61 8.54
N GLY G 105 -6.37 -128.29 8.63
CA GLY G 105 -5.95 -127.48 7.51
C GLY G 105 -7.04 -126.70 6.80
N THR G 106 -7.96 -126.11 7.56
CA THR G 106 -8.98 -125.27 6.95
C THR G 106 -8.34 -124.03 6.34
N PRO G 107 -8.80 -123.59 5.17
CA PRO G 107 -8.24 -122.39 4.54
C PRO G 107 -8.74 -121.14 5.24
N VAL G 108 -7.83 -120.40 5.87
CA VAL G 108 -8.13 -119.16 6.57
C VAL G 108 -7.49 -118.02 5.79
N LEU G 109 -8.24 -116.95 5.56
CA LEU G 109 -7.74 -115.80 4.84
C LEU G 109 -8.03 -114.52 5.61
N LEU G 110 -7.12 -113.57 5.49
CA LEU G 110 -7.24 -112.26 6.13
C LEU G 110 -7.38 -111.20 5.05
N GLU G 111 -8.45 -110.42 5.13
CA GLU G 111 -8.70 -109.31 4.22
C GLU G 111 -8.45 -108.01 4.97
N VAL G 112 -7.37 -107.33 4.64
CA VAL G 112 -6.99 -106.09 5.30
C VAL G 112 -7.02 -104.98 4.27
N GLY G 113 -7.76 -103.92 4.56
CA GLY G 113 -7.89 -102.81 3.64
C GLY G 113 -7.57 -101.48 4.30
N THR G 114 -7.11 -100.55 3.49
CA THR G 114 -6.77 -99.21 3.95
C THR G 114 -7.35 -98.19 2.98
N PHE G 115 -7.55 -96.97 3.48
CA PHE G 115 -8.11 -95.90 2.68
C PHE G 115 -7.29 -94.63 2.84
N GLY G 116 -7.22 -93.86 1.77
CA GLY G 116 -6.53 -92.58 1.80
C GLY G 116 -7.09 -91.66 0.73
N GLY G 117 -7.07 -90.36 1.03
CA GLY G 117 -7.65 -89.39 0.13
C GLY G 117 -6.84 -88.10 0.09
N ASP G 118 -7.16 -87.27 -0.89
CA ASP G 118 -6.48 -86.00 -1.08
C ASP G 118 -7.43 -85.02 -1.74
N SER G 119 -7.11 -83.74 -1.62
CA SER G 119 -7.95 -82.69 -2.19
C SER G 119 -7.10 -81.47 -2.49
N THR G 120 -7.66 -80.57 -3.30
CA THR G 120 -6.98 -79.35 -3.65
C THR G 120 -8.00 -78.28 -4.00
N LEU G 121 -7.56 -77.02 -3.97
CA LEU G 121 -8.40 -75.89 -4.30
C LEU G 121 -8.30 -75.64 -5.80
N THR G 122 -9.43 -75.72 -6.50
CA THR G 122 -9.46 -75.53 -7.94
C THR G 122 -9.78 -74.08 -8.31
N THR G 123 -10.94 -73.59 -7.89
CA THR G 123 -11.36 -72.22 -8.15
C THR G 123 -11.21 -71.42 -6.86
N GLN G 124 -10.18 -70.60 -6.81
CA GLN G 124 -9.89 -69.85 -5.60
C GLN G 124 -10.93 -68.74 -5.40
N PRO G 125 -11.33 -68.48 -4.16
CA PRO G 125 -12.34 -67.44 -3.92
C PRO G 125 -11.88 -66.07 -4.39
N THR G 126 -12.85 -65.26 -4.81
CA THR G 126 -12.62 -63.89 -5.21
C THR G 126 -12.94 -62.95 -4.06
N ILE G 127 -12.12 -61.92 -3.90
CA ILE G 127 -12.19 -61.01 -2.77
C ILE G 127 -12.86 -59.71 -3.21
N SER G 128 -13.85 -59.27 -2.44
CA SER G 128 -14.55 -58.03 -2.74
C SER G 128 -13.64 -56.83 -2.50
N ALA G 129 -13.95 -55.75 -3.20
CA ALA G 129 -13.15 -54.53 -3.08
C ALA G 129 -13.49 -53.81 -1.76
N PRO G 130 -12.50 -53.44 -0.97
CA PRO G 130 -12.78 -52.74 0.29
C PRO G 130 -13.17 -51.29 0.04
N THR G 131 -13.57 -50.63 1.12
CA THR G 131 -13.95 -49.23 1.10
C THR G 131 -12.96 -48.43 1.92
N ILE G 132 -12.57 -47.26 1.42
CA ILE G 132 -11.61 -46.39 2.08
C ILE G 132 -12.20 -44.99 2.16
N THR G 133 -12.02 -44.33 3.30
CA THR G 133 -12.55 -43.01 3.55
C THR G 133 -11.42 -42.04 3.86
N ILE G 134 -11.52 -40.84 3.31
CA ILE G 134 -10.50 -39.81 3.48
C ILE G 134 -10.85 -38.97 4.69
N ILE G 135 -9.91 -38.86 5.63
CA ILE G 135 -10.07 -38.03 6.82
C ILE G 135 -9.15 -36.83 6.68
N SER G 136 -9.74 -35.64 6.66
CA SER G 136 -8.97 -34.40 6.52
C SER G 136 -8.24 -34.06 7.81
N PRO H 2 23.08 69.06 -12.74
CA PRO H 2 22.89 68.25 -11.54
C PRO H 2 21.44 67.87 -11.29
N VAL H 3 21.16 66.58 -11.27
CA VAL H 3 19.81 66.07 -11.01
C VAL H 3 19.73 65.61 -9.57
N ILE H 4 18.70 66.07 -8.86
CA ILE H 4 18.54 65.77 -7.44
C ILE H 4 17.20 65.09 -7.24
N LYS H 5 17.19 63.96 -6.54
CA LYS H 5 15.99 63.20 -6.26
C LYS H 5 15.92 62.87 -4.78
N PRO H 6 14.71 62.71 -4.24
CA PRO H 6 14.59 62.32 -2.83
C PRO H 6 15.14 60.92 -2.60
N VAL H 7 15.65 60.69 -1.40
CA VAL H 7 16.23 59.40 -1.03
C VAL H 7 15.26 58.73 -0.06
N ILE H 8 14.59 57.69 -0.53
CA ILE H 8 13.65 56.91 0.28
C ILE H 8 14.00 55.44 0.15
N VAL H 9 14.01 54.73 1.28
CA VAL H 9 14.28 53.30 1.29
C VAL H 9 13.16 52.60 2.06
N ALA H 10 12.78 51.43 1.58
CA ALA H 10 11.71 50.64 2.18
C ALA H 10 12.16 49.19 2.34
N VAL H 11 11.69 48.55 3.40
CA VAL H 11 12.05 47.18 3.72
C VAL H 11 10.77 46.36 3.88
N SER H 12 10.79 45.13 3.40
CA SER H 12 9.64 44.24 3.44
C SER H 12 9.83 43.17 4.50
N SER H 13 8.71 42.63 4.99
CA SER H 13 8.72 41.56 5.97
C SER H 13 8.69 40.21 5.26
N ALA H 14 8.49 39.14 6.02
CA ALA H 14 8.44 37.80 5.47
C ALA H 14 7.02 37.26 5.57
N PRO H 15 6.38 36.91 4.46
CA PRO H 15 5.01 36.39 4.52
C PRO H 15 4.96 35.02 5.19
N VAL H 16 3.74 34.61 5.51
CA VAL H 16 3.49 33.35 6.21
C VAL H 16 2.50 32.53 5.40
N SER H 17 2.79 31.25 5.23
CA SER H 17 1.91 30.34 4.50
C SER H 17 0.74 29.92 5.37
N THR H 18 -0.18 29.15 4.76
CA THR H 18 -1.39 28.71 5.45
C THR H 18 -1.67 27.22 5.24
N GLY H 19 -0.87 26.53 4.44
CA GLY H 19 -1.08 25.11 4.21
C GLY H 19 -2.17 24.84 3.18
N GLY H 20 -2.23 23.59 2.76
CA GLY H 20 -3.16 23.16 1.74
C GLY H 20 -3.63 21.75 1.97
N VAL H 21 -3.97 21.05 0.88
CA VAL H 21 -4.54 19.71 0.94
C VAL H 21 -3.80 18.83 -0.06
N ILE H 22 -3.49 17.60 0.35
CA ILE H 22 -2.77 16.64 -0.48
C ILE H 22 -3.68 15.44 -0.73
N ALA H 23 -3.72 15.00 -1.98
CA ALA H 23 -4.45 13.81 -2.38
C ALA H 23 -3.47 12.74 -2.84
N THR H 24 -3.70 11.50 -2.41
CA THR H 24 -2.76 10.41 -2.63
C THR H 24 -3.44 9.23 -3.29
N THR H 25 -2.66 8.47 -4.06
CA THR H 25 -3.12 7.26 -4.72
C THR H 25 -2.13 6.14 -4.46
N VAL H 26 -2.65 4.91 -4.40
CA VAL H 26 -1.85 3.72 -4.15
C VAL H 26 -2.12 2.72 -5.27
N SER H 27 -1.06 2.21 -5.88
CA SER H 27 -1.18 1.29 -7.01
C SER H 27 -0.58 -0.07 -6.65
N PRO H 28 -1.39 -1.09 -6.38
CA PRO H 28 -0.86 -2.43 -6.13
C PRO H 28 -0.76 -3.24 -7.41
N THR H 29 0.09 -4.27 -7.36
CA THR H 29 0.26 -5.19 -8.48
C THR H 29 0.75 -6.52 -7.96
N VAL H 30 0.07 -7.59 -8.33
CA VAL H 30 0.38 -8.94 -7.87
C VAL H 30 0.72 -9.79 -9.09
N ALA H 31 1.90 -10.40 -9.08
CA ALA H 31 2.35 -11.28 -10.15
C ALA H 31 2.35 -12.73 -9.68
N ARG H 32 1.84 -13.61 -10.54
CA ARG H 32 1.71 -15.02 -10.21
C ARG H 32 2.52 -15.85 -11.20
N PHE H 33 3.31 -16.78 -10.67
CA PHE H 33 4.16 -17.64 -11.49
C PHE H 33 3.98 -19.09 -11.04
N TYR H 34 3.87 -19.98 -12.02
CA TYR H 34 3.68 -21.41 -11.79
C TYR H 34 5.02 -22.13 -11.78
N ALA H 35 5.01 -23.34 -11.22
CA ALA H 35 6.22 -24.15 -11.11
C ALA H 35 5.84 -25.62 -11.15
N ALA H 36 6.84 -26.45 -11.45
CA ALA H 36 6.70 -27.91 -11.47
C ALA H 36 8.01 -28.49 -10.92
N ILE H 37 8.04 -28.76 -9.63
CA ILE H 37 9.23 -29.24 -8.94
C ILE H 37 9.35 -30.76 -8.99
N THR H 38 9.90 -31.27 -10.09
CA THR H 38 10.14 -32.69 -10.21
C THR H 38 11.46 -33.04 -9.54
N ALA H 39 11.81 -34.34 -9.57
CA ALA H 39 13.09 -34.77 -9.03
C ALA H 39 14.24 -34.47 -9.98
N ALA H 40 14.02 -33.70 -11.04
CA ALA H 40 15.08 -33.39 -11.99
C ALA H 40 16.21 -32.61 -11.33
N MET H 41 15.86 -31.63 -10.49
CA MET H 41 16.87 -30.81 -9.84
C MET H 41 16.78 -30.84 -8.31
N ILE H 42 16.15 -31.86 -7.74
CA ILE H 42 16.16 -32.01 -6.29
C ILE H 42 17.47 -32.67 -5.88
N ALA H 43 18.22 -32.00 -5.02
CA ALA H 43 19.53 -32.51 -4.60
C ALA H 43 19.68 -32.56 -3.09
N GLY H 44 18.58 -32.51 -2.34
CA GLY H 44 18.63 -32.67 -0.91
C GLY H 44 19.41 -31.60 -0.17
N GLY H 45 19.13 -30.33 -0.46
CA GLY H 45 19.82 -29.25 0.23
C GLY H 45 20.11 -28.05 -0.66
N VAL H 46 20.18 -28.27 -1.96
CA VAL H 46 20.42 -27.18 -2.91
C VAL H 46 19.33 -27.25 -3.98
N THR H 47 18.23 -27.92 -3.66
CA THR H 47 17.10 -28.04 -4.57
C THR H 47 16.63 -26.65 -5.00
N THR H 48 16.76 -26.35 -6.28
CA THR H 48 16.59 -24.98 -6.77
C THR H 48 16.15 -25.04 -8.23
N ILE H 49 15.02 -24.42 -8.52
CA ILE H 49 14.53 -24.35 -9.89
C ILE H 49 14.98 -23.02 -10.50
N PRO H 50 15.63 -23.03 -11.67
CA PRO H 50 16.05 -21.78 -12.29
C PRO H 50 14.86 -21.02 -12.87
N ALA H 51 15.16 -19.85 -13.43
CA ALA H 51 14.11 -19.04 -14.04
C ALA H 51 13.80 -19.55 -15.45
N ALA H 52 13.70 -20.88 -15.59
CA ALA H 52 13.29 -21.48 -16.85
C ALA H 52 12.21 -22.54 -16.71
N SER H 53 12.11 -23.23 -15.58
CA SER H 53 11.07 -24.24 -15.39
C SER H 53 9.84 -23.65 -14.72
N PHE H 54 9.38 -22.50 -15.24
CA PHE H 54 8.26 -21.77 -14.68
C PHE H 54 7.27 -21.42 -15.80
N LEU H 55 5.99 -21.49 -15.48
CA LEU H 55 4.95 -21.00 -16.36
C LEU H 55 4.55 -19.59 -15.91
N ASP H 56 3.49 -19.06 -16.49
CA ASP H 56 3.02 -17.72 -16.17
C ASP H 56 1.50 -17.73 -16.11
N ASP H 57 0.92 -16.52 -16.13
CA ASP H 57 -0.52 -16.38 -15.99
C ASP H 57 -1.26 -17.10 -17.10
N ALA H 58 -0.77 -16.98 -18.33
CA ALA H 58 -1.37 -17.64 -19.49
C ALA H 58 -0.42 -18.68 -20.08
N ASP H 59 0.29 -19.38 -19.21
CA ASP H 59 1.19 -20.47 -19.60
C ASP H 59 2.27 -19.99 -20.57
N ALA H 60 2.83 -18.82 -20.27
CA ALA H 60 3.92 -18.26 -21.06
C ALA H 60 5.24 -18.50 -20.35
N PRO H 61 6.18 -19.24 -20.93
CA PRO H 61 7.45 -19.49 -20.24
C PRO H 61 8.16 -18.21 -19.84
N VAL H 62 8.67 -18.18 -18.62
CA VAL H 62 9.26 -16.99 -18.04
C VAL H 62 10.72 -16.85 -18.46
N ALA H 63 11.31 -15.69 -18.18
CA ALA H 63 12.73 -15.45 -18.40
C ALA H 63 13.50 -15.25 -17.11
N ALA H 64 12.97 -14.44 -16.19
CA ALA H 64 13.63 -14.18 -14.92
C ALA H 64 12.56 -13.89 -13.87
N LEU H 65 13.01 -13.65 -12.63
CA LEU H 65 12.08 -13.40 -11.55
C LEU H 65 12.22 -11.98 -11.00
N PRO H 66 11.11 -11.29 -10.77
CA PRO H 66 11.19 -9.92 -10.22
C PRO H 66 11.56 -9.91 -8.75
N VAL H 67 12.86 -9.94 -8.46
CA VAL H 67 13.41 -9.94 -7.11
C VAL H 67 12.64 -8.97 -6.21
N PRO H 68 12.21 -9.40 -5.03
CA PRO H 68 11.49 -8.49 -4.13
C PRO H 68 12.38 -7.35 -3.67
N ALA H 69 12.02 -6.14 -4.08
CA ALA H 69 12.74 -4.95 -3.67
C ALA H 69 12.17 -4.47 -2.33
N ALA H 70 12.54 -3.25 -1.93
CA ALA H 70 12.07 -2.70 -0.66
C ALA H 70 10.61 -2.32 -0.69
N ASN H 71 9.97 -2.30 -1.86
CA ASN H 71 8.56 -1.94 -1.99
C ASN H 71 7.74 -3.12 -2.49
N GLY H 72 8.00 -4.30 -1.95
CA GLY H 72 7.27 -5.48 -2.39
C GLY H 72 7.48 -6.64 -1.45
N TYR H 73 6.73 -7.70 -1.69
CA TYR H 73 6.81 -8.91 -0.87
C TYR H 73 6.53 -10.11 -1.75
N TYR H 74 7.01 -11.27 -1.31
CA TYR H 74 6.82 -12.52 -2.04
C TYR H 74 6.56 -13.65 -1.06
N ASN H 75 5.74 -14.61 -1.48
CA ASN H 75 5.45 -15.79 -0.69
C ASN H 75 5.77 -17.04 -1.51
N VAL H 76 6.24 -18.08 -0.83
CA VAL H 76 6.58 -19.34 -1.46
C VAL H 76 5.56 -20.39 -1.01
N TYR H 77 4.91 -21.01 -1.98
CA TYR H 77 3.90 -22.04 -1.72
C TYR H 77 4.46 -23.40 -2.09
N ILE H 78 4.32 -24.36 -1.18
CA ILE H 78 4.66 -25.75 -1.45
C ILE H 78 3.43 -26.59 -1.15
N ASN H 79 2.88 -27.23 -2.19
CA ASN H 79 1.64 -27.99 -2.09
C ASN H 79 0.49 -27.13 -1.58
N GLY H 80 0.53 -25.83 -1.88
CA GLY H 80 -0.53 -24.93 -1.48
C GLY H 80 -0.51 -24.51 -0.03
N ILE H 81 0.61 -24.70 0.67
CA ILE H 81 0.75 -24.30 2.06
C ILE H 81 1.79 -23.20 2.12
N LEU H 82 1.44 -22.10 2.78
CA LEU H 82 2.40 -21.00 2.94
C LEU H 82 3.66 -21.50 3.62
N GLN H 83 4.80 -21.06 3.11
CA GLN H 83 6.10 -21.43 3.67
C GLN H 83 6.85 -20.17 4.07
N GLN H 84 7.59 -20.26 5.16
CA GLN H 84 8.23 -19.10 5.76
C GLN H 84 9.52 -18.78 5.01
N GLY H 85 10.32 -17.87 5.57
CA GLY H 85 11.53 -17.43 4.90
C GLY H 85 12.59 -18.49 4.77
N GLY H 86 12.51 -19.56 5.56
CA GLY H 86 13.51 -20.62 5.51
C GLY H 86 13.62 -21.27 4.15
N LEU H 87 12.47 -21.60 3.55
CA LEU H 87 12.48 -22.18 2.21
C LEU H 87 12.27 -21.09 1.16
N SER H 88 13.07 -20.02 1.24
CA SER H 88 12.94 -18.94 0.26
C SER H 88 14.22 -18.13 0.26
N THR H 89 14.99 -18.21 -0.83
CA THR H 89 16.12 -17.34 -1.09
C THR H 89 16.04 -16.90 -2.55
N LEU H 90 14.87 -16.39 -2.93
CA LEU H 90 14.59 -16.09 -4.34
C LEU H 90 15.54 -15.03 -4.88
N THR H 91 16.09 -15.29 -6.06
CA THR H 91 16.91 -14.30 -6.75
C THR H 91 16.39 -14.11 -8.17
N ALA H 92 17.14 -13.37 -8.99
CA ALA H 92 16.69 -13.08 -10.35
C ALA H 92 16.78 -14.27 -11.28
N VAL H 93 17.40 -15.37 -10.85
CA VAL H 93 17.66 -16.48 -11.76
C VAL H 93 16.96 -17.74 -11.26
N SER H 94 16.65 -17.82 -9.97
CA SER H 94 16.14 -19.07 -9.41
C SER H 94 15.58 -18.80 -8.02
N LEU H 95 15.04 -19.85 -7.42
CA LEU H 95 14.56 -19.85 -6.04
C LEU H 95 15.25 -20.98 -5.29
N ALA H 96 15.92 -20.64 -4.19
CA ALA H 96 16.74 -21.59 -3.44
C ALA H 96 15.90 -22.20 -2.32
N LEU H 97 15.26 -23.33 -2.64
CA LEU H 97 14.52 -24.09 -1.64
C LEU H 97 15.49 -24.77 -0.68
N ALA H 98 15.02 -25.01 0.54
CA ALA H 98 15.92 -25.51 1.59
C ALA H 98 16.49 -26.88 1.24
N SER H 99 15.67 -27.93 1.28
CA SER H 99 16.18 -29.22 0.82
C SER H 99 15.24 -29.95 -0.12
N GLY H 100 13.95 -29.97 0.18
CA GLY H 100 12.97 -30.66 -0.65
C GLY H 100 13.02 -32.17 -0.48
N ASP H 101 11.86 -32.81 -0.33
CA ASP H 101 11.76 -34.26 -0.37
C ASP H 101 10.33 -34.69 -0.59
N PHE H 102 10.01 -35.20 -1.78
CA PHE H 102 8.63 -35.50 -2.16
C PHE H 102 8.62 -36.10 -3.56
N VAL H 103 7.43 -36.53 -3.97
CA VAL H 103 7.19 -37.20 -5.25
C VAL H 103 7.29 -36.21 -6.39
N GLU H 104 7.15 -36.71 -7.63
CA GLU H 104 7.16 -35.90 -8.84
C GLU H 104 6.27 -34.67 -8.68
N GLY H 105 6.56 -33.63 -9.48
CA GLY H 105 6.24 -32.25 -9.14
C GLY H 105 4.93 -31.96 -8.45
N THR H 106 5.03 -31.45 -7.23
CA THR H 106 3.87 -30.96 -6.50
C THR H 106 3.60 -29.51 -6.87
N PRO H 107 2.36 -29.05 -6.77
CA PRO H 107 2.07 -27.65 -7.09
C PRO H 107 2.80 -26.65 -6.21
N VAL H 108 3.70 -25.89 -6.82
CA VAL H 108 4.46 -24.84 -6.17
C VAL H 108 4.13 -23.53 -6.86
N LEU H 109 3.81 -22.51 -6.07
CA LEU H 109 3.37 -21.23 -6.61
C LEU H 109 4.15 -20.11 -5.97
N LEU H 110 4.47 -19.10 -6.77
CA LEU H 110 5.12 -17.89 -6.30
C LEU H 110 4.22 -16.70 -6.58
N GLU H 111 3.97 -15.90 -5.54
CA GLU H 111 3.27 -14.64 -5.68
C GLU H 111 4.24 -13.50 -5.40
N VAL H 112 4.34 -12.58 -6.34
CA VAL H 112 5.23 -11.43 -6.23
C VAL H 112 4.37 -10.18 -6.33
N GLY H 113 4.48 -9.32 -5.31
CA GLY H 113 3.68 -8.11 -5.25
C GLY H 113 4.55 -6.88 -5.27
N THR H 114 4.02 -5.80 -5.83
CA THR H 114 4.68 -4.51 -5.86
C THR H 114 3.68 -3.45 -5.42
N PHE H 115 4.19 -2.26 -5.13
CA PHE H 115 3.34 -1.18 -4.64
C PHE H 115 3.93 0.16 -5.09
N GLY H 116 3.14 0.93 -5.82
CA GLY H 116 3.54 2.26 -6.23
C GLY H 116 2.49 3.28 -5.84
N GLY H 117 2.95 4.51 -5.62
CA GLY H 117 2.05 5.55 -5.18
C GLY H 117 2.26 6.88 -5.90
N ASP H 118 1.17 7.60 -6.15
CA ASP H 118 1.22 8.88 -6.82
C ASP H 118 0.37 9.89 -6.04
N SER H 119 0.79 11.15 -6.08
CA SER H 119 0.10 12.18 -5.31
C SER H 119 0.35 13.53 -5.98
N THR H 120 -0.49 14.49 -5.61
CA THR H 120 -0.37 15.84 -6.14
C THR H 120 -1.00 16.81 -5.14
N LEU H 121 -0.67 18.09 -5.30
CA LEU H 121 -1.18 19.15 -4.45
C LEU H 121 -2.44 19.70 -5.08
N THR H 122 -3.59 19.39 -4.48
CA THR H 122 -4.87 19.87 -5.02
C THR H 122 -5.08 21.34 -4.71
N THR H 123 -5.12 21.70 -3.43
CA THR H 123 -5.33 23.07 -3.01
C THR H 123 -3.98 23.68 -2.63
N GLN H 124 -3.64 24.79 -3.25
CA GLN H 124 -2.33 25.32 -2.95
C GLN H 124 -2.41 26.35 -1.82
N PRO H 125 -1.47 26.32 -0.88
CA PRO H 125 -1.56 27.18 0.29
C PRO H 125 -1.60 28.66 -0.07
N THR H 126 -2.34 29.42 0.72
CA THR H 126 -2.45 30.87 0.56
C THR H 126 -1.35 31.56 1.36
N ILE H 127 -0.80 32.63 0.78
CA ILE H 127 0.32 33.36 1.37
C ILE H 127 -0.21 34.65 1.98
N SER H 128 0.16 34.91 3.23
CA SER H 128 -0.26 36.14 3.91
C SER H 128 0.46 37.34 3.31
N ALA H 129 -0.19 38.50 3.39
CA ALA H 129 0.38 39.71 2.84
C ALA H 129 1.53 40.20 3.73
N PRO H 130 2.56 40.78 3.13
CA PRO H 130 3.69 41.30 3.89
C PRO H 130 3.36 42.68 4.46
N THR H 131 4.35 43.27 5.14
CA THR H 131 4.25 44.60 5.71
C THR H 131 5.35 45.47 5.12
N ILE H 132 5.00 46.71 4.79
CA ILE H 132 5.94 47.65 4.18
C ILE H 132 6.09 48.86 5.09
N THR H 133 7.33 49.21 5.42
CA THR H 133 7.64 50.36 6.24
C THR H 133 8.51 51.32 5.43
N ILE H 134 8.19 52.61 5.47
CA ILE H 134 8.89 53.62 4.71
C ILE H 134 9.92 54.29 5.60
N ILE H 135 11.17 54.31 5.16
CA ILE H 135 12.26 54.99 5.86
C ILE H 135 12.59 56.25 5.07
N SER H 136 12.37 57.41 5.68
CA SER H 136 12.66 58.67 5.02
C SER H 136 14.13 59.04 5.19
N PRO I 2 17.88 166.01 -18.44
CA PRO I 2 18.91 165.08 -17.95
C PRO I 2 18.54 164.46 -16.61
N VAL I 3 18.39 163.13 -16.60
CA VAL I 3 18.04 162.42 -15.38
C VAL I 3 19.31 161.90 -14.72
N ILE I 4 19.47 162.17 -13.42
CA ILE I 4 20.65 161.78 -12.68
C ILE I 4 20.24 160.83 -11.57
N LYS I 5 20.94 159.70 -11.47
CA LYS I 5 20.67 158.70 -10.45
C LYS I 5 22.00 158.24 -9.86
N PRO I 6 22.03 157.88 -8.58
CA PRO I 6 23.27 157.36 -8.00
C PRO I 6 23.64 156.01 -8.59
N VAL I 7 24.93 155.74 -8.65
CA VAL I 7 25.47 154.51 -9.23
C VAL I 7 25.88 153.61 -8.07
N ILE I 8 24.97 152.72 -7.69
CA ILE I 8 25.18 151.78 -6.57
C ILE I 8 24.97 150.37 -7.09
N VAL I 9 25.90 149.47 -6.77
CA VAL I 9 25.82 148.07 -7.13
C VAL I 9 26.03 147.22 -5.89
N ALA I 10 25.52 145.99 -5.94
CA ALA I 10 25.64 145.08 -4.82
C ALA I 10 25.70 143.66 -5.33
N VAL I 11 26.30 142.78 -4.53
CA VAL I 11 26.48 141.38 -4.89
C VAL I 11 25.94 140.51 -3.76
N SER I 12 25.63 139.26 -4.12
CA SER I 12 25.05 138.30 -3.19
C SER I 12 25.98 137.10 -3.05
N SER I 13 25.97 136.50 -1.87
CA SER I 13 26.76 135.31 -1.60
C SER I 13 25.98 134.08 -2.07
N ALA I 14 26.52 132.89 -1.78
CA ALA I 14 25.86 131.65 -2.14
C ALA I 14 25.33 130.98 -0.88
N PRO I 15 24.01 130.88 -0.71
CA PRO I 15 23.47 130.25 0.49
C PRO I 15 23.79 128.76 0.54
N VAL I 16 23.87 128.24 1.77
CA VAL I 16 24.14 126.83 2.00
C VAL I 16 22.86 126.15 2.46
N SER I 17 22.79 124.85 2.27
CA SER I 17 21.61 124.06 2.58
C SER I 17 21.90 123.05 3.68
N THR I 18 20.88 122.76 4.48
CA THR I 18 20.97 121.78 5.55
C THR I 18 20.54 120.41 5.01
N GLY I 19 20.35 119.45 5.92
CA GLY I 19 19.99 118.10 5.54
C GLY I 19 18.51 117.92 5.25
N GLY I 20 17.98 116.76 5.58
CA GLY I 20 16.59 116.47 5.31
C GLY I 20 16.26 115.02 5.65
N VAL I 21 15.00 114.68 5.45
CA VAL I 21 14.48 113.36 5.80
C VAL I 21 13.79 112.77 4.58
N ILE I 22 14.12 111.52 4.27
CA ILE I 22 13.52 110.79 3.16
C ILE I 22 13.11 109.40 3.64
N ALA I 23 11.93 108.96 3.22
CA ALA I 23 11.40 107.67 3.62
C ALA I 23 11.16 106.80 2.39
N THR I 24 11.37 105.50 2.54
CA THR I 24 11.31 104.54 1.45
C THR I 24 10.32 103.43 1.76
N THR I 25 9.80 102.81 0.70
CA THR I 25 8.91 101.67 0.81
C THR I 25 9.35 100.60 -0.18
N VAL I 26 9.13 99.34 0.17
CA VAL I 26 9.51 98.20 -0.66
C VAL I 26 8.25 97.38 -0.95
N SER I 27 8.02 97.08 -2.22
CA SER I 27 6.83 96.31 -2.63
C SER I 27 7.26 95.00 -3.25
N PRO I 28 7.20 93.88 -2.53
CA PRO I 28 7.55 92.59 -3.12
C PRO I 28 6.33 91.86 -3.67
N THR I 29 6.53 91.18 -4.79
CA THR I 29 5.50 90.37 -5.41
C THR I 29 6.05 88.99 -5.73
N VAL I 30 5.27 87.96 -5.45
CA VAL I 30 5.68 86.58 -5.66
C VAL I 30 4.60 85.89 -6.47
N ALA I 31 4.95 85.44 -7.67
CA ALA I 31 4.03 84.71 -8.54
C ALA I 31 4.37 83.23 -8.52
N ARG I 32 3.33 82.40 -8.56
CA ARG I 32 3.48 80.94 -8.44
C ARG I 32 2.83 80.27 -9.65
N PHE I 33 3.63 79.50 -10.38
CA PHE I 33 3.15 78.77 -11.55
C PHE I 33 3.38 77.28 -11.33
N TYR I 34 2.44 76.47 -11.82
CA TYR I 34 2.46 75.03 -11.61
C TYR I 34 2.37 74.31 -12.94
N ALA I 35 2.98 73.13 -13.01
CA ALA I 35 2.95 72.31 -14.20
C ALA I 35 3.04 70.85 -13.79
N ALA I 36 2.83 69.96 -14.77
CA ALA I 36 2.92 68.51 -14.55
C ALA I 36 3.68 67.92 -15.73
N ILE I 37 4.98 67.74 -15.57
CA ILE I 37 5.82 67.24 -16.65
C ILE I 37 5.45 65.80 -16.99
N THR I 38 5.31 65.51 -18.27
CA THR I 38 4.96 64.19 -18.76
C THR I 38 6.12 63.65 -19.61
N ALA I 39 5.91 62.45 -20.17
CA ALA I 39 6.89 61.82 -21.04
C ALA I 39 6.73 62.23 -22.49
N ALA I 40 5.76 63.08 -22.81
CA ALA I 40 5.53 63.47 -24.21
C ALA I 40 6.63 64.39 -24.71
N MET I 41 7.52 64.87 -23.83
CA MET I 41 8.55 65.81 -24.21
C MET I 41 9.92 65.43 -23.67
N ILE I 42 10.06 64.27 -23.05
CA ILE I 42 11.38 63.81 -22.59
C ILE I 42 12.17 63.31 -23.78
N ALA I 43 13.35 63.88 -24.00
CA ALA I 43 14.21 63.47 -25.11
C ALA I 43 15.67 63.41 -24.69
N GLY I 44 15.93 63.16 -23.41
CA GLY I 44 17.30 63.19 -22.92
C GLY I 44 17.94 64.54 -23.02
N GLY I 45 17.16 65.59 -23.11
CA GLY I 45 17.66 66.94 -23.30
C GLY I 45 16.55 67.87 -23.74
N VAL I 46 16.86 69.17 -23.69
CA VAL I 46 15.96 70.26 -24.07
C VAL I 46 14.51 69.99 -23.67
N THR I 47 14.31 69.37 -22.52
CA THR I 47 12.97 69.12 -21.99
C THR I 47 12.40 70.46 -21.56
N THR I 48 11.55 71.04 -22.41
CA THR I 48 11.10 72.42 -22.24
C THR I 48 9.58 72.45 -22.22
N ILE I 49 9.00 72.65 -21.04
CA ILE I 49 7.54 72.75 -20.94
C ILE I 49 7.11 74.11 -21.48
N PRO I 50 6.24 74.17 -22.47
CA PRO I 50 5.88 75.44 -23.09
C PRO I 50 5.12 76.33 -22.12
N ALA I 51 5.07 77.62 -22.48
CA ALA I 51 4.44 78.62 -21.63
C ALA I 51 2.95 78.36 -21.41
N ALA I 52 2.33 77.53 -22.25
CA ALA I 52 0.93 77.16 -22.06
C ALA I 52 0.75 75.90 -21.24
N SER I 53 1.80 75.10 -21.07
CA SER I 53 1.72 73.86 -20.29
C SER I 53 1.88 74.16 -18.79
N PHE I 54 0.98 75.01 -18.30
CA PHE I 54 1.01 75.43 -16.90
C PHE I 54 -0.44 75.50 -16.40
N LEU I 55 -0.61 75.91 -15.15
CA LEU I 55 -1.93 76.06 -14.56
C LEU I 55 -2.14 77.35 -13.79
N ASP I 56 -1.06 78.06 -13.41
CA ASP I 56 -1.15 79.32 -12.68
C ASP I 56 -1.80 79.13 -11.32
N ASP I 57 -1.90 80.22 -10.54
CA ASP I 57 -2.32 80.15 -9.15
C ASP I 57 -3.70 79.53 -8.98
N ALA I 58 -4.73 80.21 -9.48
CA ALA I 58 -6.11 79.72 -9.32
C ALA I 58 -6.58 78.98 -10.57
N ASP I 59 -5.79 77.99 -10.97
CA ASP I 59 -6.15 77.05 -12.04
C ASP I 59 -6.60 77.78 -13.31
N ALA I 60 -5.89 78.85 -13.65
CA ALA I 60 -6.21 79.68 -14.82
C ALA I 60 -5.01 79.67 -15.76
N PRO I 61 -5.01 78.80 -16.78
CA PRO I 61 -3.81 78.59 -17.61
C PRO I 61 -3.16 79.87 -18.11
N VAL I 62 -1.83 79.92 -18.04
CA VAL I 62 -1.08 81.12 -18.33
C VAL I 62 -0.56 81.04 -19.77
N ALA I 63 -0.21 82.20 -20.33
CA ALA I 63 0.22 82.31 -21.71
C ALA I 63 1.73 82.49 -21.86
N ALA I 64 2.40 83.13 -20.90
CA ALA I 64 3.83 83.39 -21.02
C ALA I 64 4.42 83.43 -19.61
N LEU I 65 5.74 83.60 -19.53
CA LEU I 65 6.46 83.61 -18.27
C LEU I 65 7.16 84.94 -18.05
N PRO I 66 6.92 85.61 -16.93
CA PRO I 66 7.59 86.89 -16.67
C PRO I 66 9.03 86.71 -16.23
N VAL I 67 9.94 86.59 -17.19
CA VAL I 67 11.36 86.37 -16.93
C VAL I 67 11.91 87.48 -16.05
N PRO I 68 12.60 87.15 -14.96
CA PRO I 68 13.20 88.20 -14.12
C PRO I 68 14.37 88.88 -14.82
N ALA I 69 14.24 90.18 -15.08
CA ALA I 69 15.28 90.88 -15.85
C ALA I 69 16.44 91.29 -14.95
N ALA I 70 16.20 92.20 -14.02
CA ALA I 70 17.27 92.67 -13.14
C ALA I 70 16.85 92.90 -11.70
N ASN I 71 15.57 92.72 -11.36
CA ASN I 71 15.10 92.98 -10.00
C ASN I 71 14.19 91.83 -9.56
N GLY I 72 14.62 90.61 -9.82
CA GLY I 72 13.83 89.45 -9.45
C GLY I 72 14.66 88.19 -9.47
N TYR I 73 14.11 87.16 -8.85
CA TYR I 73 14.74 85.85 -8.75
C TYR I 73 13.71 84.78 -9.05
N TYR I 74 14.16 83.68 -9.64
CA TYR I 74 13.28 82.56 -9.97
C TYR I 74 13.92 81.27 -9.46
N ASN I 75 13.08 80.37 -8.94
CA ASN I 75 13.54 79.08 -8.47
C ASN I 75 12.80 77.97 -9.22
N VAL I 76 13.51 76.88 -9.47
CA VAL I 76 12.95 75.73 -10.17
C VAL I 76 12.83 74.57 -9.19
N TYR I 77 11.66 73.97 -9.14
CA TYR I 77 11.39 72.86 -8.23
C TYR I 77 11.18 71.59 -9.03
N ILE I 78 11.94 70.56 -8.71
CA ILE I 78 11.78 69.24 -9.31
C ILE I 78 11.43 68.28 -8.18
N ASN I 79 10.17 67.85 -8.13
CA ASN I 79 9.66 66.99 -7.08
C ASN I 79 9.85 67.60 -5.69
N GLY I 80 9.77 68.94 -5.61
CA GLY I 80 9.86 69.64 -4.36
C GLY I 80 11.27 69.90 -3.85
N ILE I 81 12.29 69.58 -4.62
CA ILE I 81 13.68 69.82 -4.24
C ILE I 81 14.22 70.92 -5.13
N LEU I 82 14.74 71.98 -4.52
CA LEU I 82 15.26 73.10 -5.29
C LEU I 82 16.45 72.64 -6.13
N GLN I 83 16.57 73.21 -7.32
CA GLN I 83 17.71 72.97 -8.19
C GLN I 83 18.43 74.30 -8.44
N GLN I 84 19.48 74.23 -9.23
CA GLN I 84 20.38 75.36 -9.43
C GLN I 84 20.41 75.74 -10.91
N GLY I 85 21.33 76.64 -11.26
CA GLY I 85 21.39 77.17 -12.62
C GLY I 85 21.66 76.13 -13.68
N GLY I 86 22.15 74.95 -13.28
CA GLY I 86 22.42 73.91 -14.27
C GLY I 86 21.16 73.48 -15.03
N LEU I 87 20.04 73.44 -14.33
CA LEU I 87 18.77 73.03 -14.93
C LEU I 87 17.73 74.14 -14.93
N SER I 88 18.16 75.41 -14.86
CA SER I 88 17.23 76.53 -14.77
C SER I 88 17.68 77.63 -15.73
N THR I 89 16.86 77.90 -16.73
CA THR I 89 17.03 79.08 -17.59
C THR I 89 15.67 79.41 -18.16
N LEU I 90 15.01 80.43 -17.60
CA LEU I 90 13.64 80.77 -17.96
C LEU I 90 13.66 81.79 -19.09
N THR I 91 13.23 81.37 -20.28
CA THR I 91 12.92 82.28 -21.36
C THR I 91 11.43 82.56 -21.35
N ALA I 92 10.94 83.27 -22.36
CA ALA I 92 9.54 83.65 -22.40
C ALA I 92 8.62 82.51 -22.81
N VAL I 93 9.16 81.36 -23.22
CA VAL I 93 8.36 80.27 -23.75
C VAL I 93 8.42 79.03 -22.87
N SER I 94 9.56 78.74 -22.25
CA SER I 94 9.73 77.46 -21.56
C SER I 94 10.92 77.53 -20.61
N LEU I 95 11.16 76.43 -19.91
CA LEU I 95 12.33 76.25 -19.08
C LEU I 95 13.44 75.62 -19.91
N ALA I 96 14.55 75.26 -19.26
CA ALA I 96 15.74 74.74 -19.93
C ALA I 96 16.29 73.53 -19.18
N LEU I 97 15.42 72.55 -18.92
CA LEU I 97 15.85 71.32 -18.25
C LEU I 97 17.00 70.68 -19.02
N ALA I 98 18.02 70.23 -18.28
CA ALA I 98 19.22 69.70 -18.89
C ALA I 98 18.94 68.47 -19.74
N SER I 99 18.52 67.38 -19.10
CA SER I 99 18.08 66.20 -19.85
C SER I 99 16.73 65.67 -19.39
N GLY I 100 16.48 65.63 -18.09
CA GLY I 100 15.20 65.20 -17.57
C GLY I 100 15.02 63.69 -17.54
N ASP I 101 14.54 63.18 -16.41
CA ASP I 101 14.14 61.77 -16.30
C ASP I 101 13.31 61.65 -15.03
N PHE I 102 12.07 61.21 -15.18
CA PHE I 102 11.13 61.22 -14.08
C PHE I 102 9.91 60.39 -14.48
N VAL I 103 8.93 60.32 -13.57
CA VAL I 103 7.64 59.71 -13.84
C VAL I 103 6.70 60.81 -14.30
N GLU I 104 5.73 60.44 -15.13
CA GLU I 104 4.78 61.40 -15.67
C GLU I 104 4.04 62.13 -14.55
N GLY I 105 3.78 63.41 -14.77
CA GLY I 105 3.11 64.23 -13.77
C GLY I 105 3.93 64.47 -12.52
N THR I 106 5.25 64.58 -12.66
CA THR I 106 6.09 64.88 -11.52
C THR I 106 5.85 66.31 -11.06
N PRO I 107 5.54 66.53 -9.78
CA PRO I 107 5.20 67.89 -9.31
C PRO I 107 6.38 68.84 -9.47
N VAL I 108 6.20 69.82 -10.35
CA VAL I 108 7.20 70.84 -10.62
C VAL I 108 6.53 72.20 -10.49
N LEU I 109 7.11 73.08 -9.69
CA LEU I 109 6.56 74.42 -9.50
C LEU I 109 7.63 75.47 -9.73
N LEU I 110 7.22 76.58 -10.32
CA LEU I 110 8.10 77.72 -10.60
C LEU I 110 7.65 78.90 -9.77
N GLU I 111 8.56 79.49 -9.01
CA GLU I 111 8.31 80.73 -8.29
C GLU I 111 9.12 81.85 -8.93
N VAL I 112 8.44 82.94 -9.28
CA VAL I 112 9.10 84.11 -9.83
C VAL I 112 8.67 85.32 -9.02
N GLY I 113 9.63 86.15 -8.65
CA GLY I 113 9.34 87.31 -7.85
C GLY I 113 9.87 88.59 -8.46
N THR I 114 9.26 89.72 -8.09
CA THR I 114 9.71 91.03 -8.54
C THR I 114 9.72 91.98 -7.34
N PHE I 115 10.59 92.98 -7.42
CA PHE I 115 10.74 93.93 -6.33
C PHE I 115 10.66 95.34 -6.89
N GLY I 116 9.82 96.17 -6.29
CA GLY I 116 9.71 97.56 -6.68
C GLY I 116 9.56 98.42 -5.44
N GLY I 117 10.13 99.62 -5.50
CA GLY I 117 10.12 100.50 -4.36
C GLY I 117 9.95 101.94 -4.77
N ASP I 118 9.32 102.72 -3.89
CA ASP I 118 9.10 104.13 -4.10
C ASP I 118 9.46 104.89 -2.85
N SER I 119 9.92 106.13 -3.02
CA SER I 119 10.32 106.97 -1.90
C SER I 119 9.86 108.40 -2.16
N THR I 120 9.72 109.15 -1.07
CA THR I 120 9.27 110.53 -1.13
C THR I 120 10.15 111.39 -0.23
N LEU I 121 10.25 112.67 -0.56
CA LEU I 121 10.96 113.65 0.25
C LEU I 121 9.96 114.28 1.20
N THR I 122 10.15 114.06 2.51
CA THR I 122 9.22 114.54 3.52
C THR I 122 9.62 115.90 4.07
N THR I 123 10.82 115.99 4.64
CA THR I 123 11.30 117.21 5.28
C THR I 123 12.14 117.99 4.27
N GLN I 124 11.66 119.17 3.89
CA GLN I 124 12.41 119.99 2.97
C GLN I 124 13.69 120.51 3.62
N PRO I 125 14.79 120.60 2.87
CA PRO I 125 16.01 121.16 3.44
C PRO I 125 15.84 122.65 3.75
N THR I 126 16.58 123.11 4.75
CA THR I 126 16.57 124.50 5.16
C THR I 126 17.76 125.22 4.53
N ILE I 127 17.51 126.40 3.98
CA ILE I 127 18.51 127.18 3.26
C ILE I 127 18.94 128.35 4.14
N SER I 128 20.26 128.52 4.28
CA SER I 128 20.79 129.63 5.06
C SER I 128 20.58 130.95 4.32
N ALA I 129 20.62 132.04 5.09
CA ALA I 129 20.44 133.37 4.51
C ALA I 129 21.71 133.82 3.81
N PRO I 130 21.61 134.32 2.57
CA PRO I 130 22.81 134.78 1.87
C PRO I 130 23.33 136.09 2.45
N THR I 131 24.53 136.46 2.00
CA THR I 131 25.19 137.68 2.45
C THR I 131 25.12 138.74 1.36
N ILE I 132 24.74 139.96 1.74
CA ILE I 132 24.61 141.07 0.82
C ILE I 132 25.67 142.11 1.15
N THR I 133 26.44 142.52 0.15
CA THR I 133 27.47 143.53 0.30
C THR I 133 27.16 144.72 -0.59
N ILE I 134 27.25 145.92 -0.03
CA ILE I 134 26.91 147.14 -0.76
C ILE I 134 28.18 147.74 -1.34
N ILE I 135 28.19 147.94 -2.65
CA ILE I 135 29.31 148.57 -3.33
C ILE I 135 28.88 149.95 -3.83
N SER I 136 29.28 150.99 -3.10
CA SER I 136 28.93 152.35 -3.49
C SER I 136 29.86 152.86 -4.59
#